data_8WVT
#
_entry.id   8WVT
#
_cell.length_a   46.921
_cell.length_b   61.804
_cell.length_c   75.633
_cell.angle_alpha   74.61
_cell.angle_beta   81.74
_cell.angle_gamma   76.79
#
_symmetry.space_group_name_H-M   'P 1'
#
loop_
_entity.id
_entity.type
_entity.pdbx_description
1 polymer 'Putative epoxidase LasC'
2 non-polymer 'FLAVIN-ADENINE DINUCLEOTIDE'
3 non-polymer 'DIMETHYL SULFOXIDE'
4 non-polymer (4R,5S)-3-((2R,3S,4S,E)-2,6-diethyl-9-((2R,3R)-2-ethyl-3-methyloxiran-2-yl)-3-hydroxy-4-methylnon-6-enoyl)-4-methyl-5-phenyloxazolidin-2-one
5 non-polymer 'CHLORIDE ION'
6 non-polymer (4R,5S)-4-methyl-5-phenyl-3-((2R,3S,4S,6E,10E)-2,6,10-triethyl-3-hydroxy-4-methyldodeca-6,10-dienoyl)oxazolidin-2-one
7 water water
#
_entity_poly.entity_id   1
_entity_poly.type   'polypeptide(L)'
_entity_poly.pdbx_seq_one_letter_code
;MNHKVHHHHHHIEGRHMTNTRSAVVLGGGMAGMLVSSMLARHVGSVTVIDRDAFPAGPDLRKGVPQARHAHILWSGGARI
VEELLPGTTDRLLGAGAHRIGIPDGQVSYTAYGWQHRFPEAQFMIACSRALLDWTVREETLREERIALVEKTEVLALLGD
AGRVTGVRVRDQESGEEREVPADLVVDTTGRGSPSKRLLAELGLPAPEEEFVDSGMVYATRLFRAPEAAATNFPLVSVHA
DHRAGRPGCNAVLMPIEDGRWIVTVSGTRGGEPPADDEGFARFARDGVRHPLVGELIA(ELY)AQPLTSVERSRSTVNRR
LHYDRLATWPEGLVVLGDAVAAFNPVYGHGMSAAAHSVLALRSQLGQRAFQPGLARAAQRAIAVAVDDAWVLATSHDIGY
PGCRTQTRDPRLTRHAGERQRVTDLVGLTATRNQVVNRAAVALNTLSAGMASMQDPAVMAAVRRGPEVPAPTEPPLRPDE
VARLVSGAGVTA
;
_entity_poly.pdbx_strand_id   A,B
#
loop_
_chem_comp.id
_chem_comp.type
_chem_comp.name
_chem_comp.formula
A1LWM non-polymer (4R,5S)-4-methyl-5-phenyl-3-((2R,3S,4S,6E,10E)-2,6,10-triethyl-3-hydroxy-4-methyldodeca-6,10-dienoyl)oxazolidin-2-one 'C29 H43 N O4'
CL non-polymer 'CHLORIDE ION' 'Cl -1'
DMS non-polymer 'DIMETHYL SULFOXIDE' 'C2 H6 O S'
FAD non-polymer 'FLAVIN-ADENINE DINUCLEOTIDE' 'C27 H33 N9 O15 P2'
X9E non-polymer (4R,5S)-3-((2R,3S,4S,E)-2,6-diethyl-9-((2R,3R)-2-ethyl-3-methyloxiran-2-yl)-3-hydroxy-4-methylnon-6-enoyl)-4-methyl-5-phenyloxazolidin-2-one 'C29 H43 N O5'
#
# COMPACT_ATOMS: atom_id res chain seq x y z
N THR A 20 -20.28 -25.43 -23.47
CA THR A 20 -21.46 -26.03 -22.85
C THR A 20 -21.24 -26.27 -21.35
N ARG A 21 -22.34 -26.14 -20.59
CA ARG A 21 -22.37 -26.23 -19.14
C ARG A 21 -21.66 -25.03 -18.52
N SER A 22 -22.08 -24.67 -17.31
CA SER A 22 -21.58 -23.48 -16.63
C SER A 22 -21.23 -23.83 -15.19
N ALA A 23 -20.21 -23.18 -14.67
CA ALA A 23 -19.86 -23.30 -13.26
C ALA A 23 -19.97 -21.94 -12.59
N VAL A 24 -20.37 -21.97 -11.32
CA VAL A 24 -20.28 -20.80 -10.46
C VAL A 24 -19.36 -21.17 -9.30
N VAL A 25 -18.39 -20.31 -9.04
CA VAL A 25 -17.43 -20.49 -7.96
C VAL A 25 -17.68 -19.38 -6.94
N LEU A 26 -17.89 -19.76 -5.68
CA LEU A 26 -18.08 -18.80 -4.60
C LEU A 26 -16.75 -18.50 -3.94
N GLY A 27 -16.31 -17.24 -4.04
CA GLY A 27 -15.04 -16.85 -3.45
C GLY A 27 -13.93 -16.87 -4.47
N GLY A 28 -13.25 -15.73 -4.62
CA GLY A 28 -12.18 -15.61 -5.60
C GLY A 28 -10.78 -15.54 -5.01
N GLY A 29 -10.53 -16.30 -3.93
CA GLY A 29 -9.21 -16.40 -3.34
C GLY A 29 -8.37 -17.48 -3.99
N MET A 30 -7.48 -18.10 -3.20
CA MET A 30 -6.56 -19.08 -3.79
C MET A 30 -7.30 -20.27 -4.37
N ALA A 31 -8.17 -20.90 -3.57
CA ALA A 31 -8.87 -22.08 -4.09
C ALA A 31 -9.83 -21.71 -5.23
N GLY A 32 -10.49 -20.56 -5.13
CA GLY A 32 -11.42 -20.18 -6.20
C GLY A 32 -10.72 -19.91 -7.52
N MET A 33 -9.59 -19.21 -7.47
CA MET A 33 -8.86 -18.95 -8.70
C MET A 33 -8.34 -20.26 -9.32
N LEU A 34 -7.72 -21.12 -8.51
CA LEU A 34 -7.23 -22.40 -9.02
C LEU A 34 -8.36 -23.25 -9.56
N VAL A 35 -9.46 -23.35 -8.82
CA VAL A 35 -10.53 -24.22 -9.28
C VAL A 35 -11.16 -23.66 -10.54
N SER A 36 -11.20 -22.33 -10.67
CA SER A 36 -11.82 -21.74 -11.87
C SER A 36 -10.96 -21.98 -13.10
N SER A 37 -9.63 -21.85 -12.95
CA SER A 37 -8.74 -22.14 -14.06
C SER A 37 -8.92 -23.58 -14.52
N MET A 38 -9.08 -24.50 -13.58
CA MET A 38 -9.28 -25.90 -13.95
C MET A 38 -10.63 -26.10 -14.61
N LEU A 39 -11.68 -25.54 -13.99
CA LEU A 39 -13.04 -25.75 -14.49
C LEU A 39 -13.23 -25.19 -15.90
N ALA A 40 -12.57 -24.06 -16.22
CA ALA A 40 -12.75 -23.44 -17.53
C ALA A 40 -12.26 -24.33 -18.66
N ARG A 41 -11.47 -25.35 -18.35
CA ARG A 41 -11.07 -26.35 -19.34
C ARG A 41 -12.10 -27.47 -19.48
N HIS A 42 -13.15 -27.48 -18.65
CA HIS A 42 -14.17 -28.53 -18.68
C HIS A 42 -15.58 -28.01 -18.87
N VAL A 43 -15.83 -26.70 -18.72
CA VAL A 43 -17.15 -26.11 -18.91
C VAL A 43 -17.01 -24.90 -19.82
N GLY A 44 -18.16 -24.43 -20.31
CA GLY A 44 -18.16 -23.29 -21.22
C GLY A 44 -17.84 -21.98 -20.54
N SER A 45 -18.30 -21.78 -19.30
CA SER A 45 -18.00 -20.53 -18.60
C SER A 45 -17.95 -20.76 -17.10
N VAL A 46 -17.17 -19.91 -16.42
CA VAL A 46 -17.04 -19.91 -14.97
C VAL A 46 -17.32 -18.49 -14.47
N THR A 47 -18.22 -18.37 -13.49
CA THR A 47 -18.50 -17.08 -12.85
C THR A 47 -18.09 -17.18 -11.40
N VAL A 48 -17.24 -16.26 -10.96
CA VAL A 48 -16.68 -16.24 -9.60
C VAL A 48 -17.35 -15.09 -8.88
N ILE A 49 -18.00 -15.38 -7.75
CA ILE A 49 -18.74 -14.41 -6.97
C ILE A 49 -17.95 -14.15 -5.69
N ASP A 50 -17.68 -12.87 -5.39
CA ASP A 50 -16.96 -12.55 -4.16
C ASP A 50 -17.52 -11.27 -3.58
N ARG A 51 -17.68 -11.23 -2.26
CA ARG A 51 -18.18 -10.03 -1.60
C ARG A 51 -17.11 -8.95 -1.42
N ASP A 52 -15.85 -9.26 -1.71
CA ASP A 52 -14.78 -8.31 -1.49
C ASP A 52 -14.55 -7.44 -2.72
N ALA A 53 -13.80 -6.36 -2.54
CA ALA A 53 -13.27 -5.57 -3.65
C ALA A 53 -11.82 -5.94 -3.88
N PHE A 54 -11.43 -6.04 -5.15
CA PHE A 54 -10.12 -6.58 -5.51
C PHE A 54 -9.19 -5.50 -6.03
N PRO A 55 -7.97 -5.39 -5.48
CA PRO A 55 -7.03 -4.38 -5.97
C PRO A 55 -6.43 -4.76 -7.31
N ALA A 56 -6.11 -3.73 -8.11
CA ALA A 56 -5.42 -3.88 -9.39
C ALA A 56 -3.91 -4.10 -9.20
N GLY A 57 -3.48 -4.45 -8.00
CA GLY A 57 -2.09 -4.71 -7.73
C GLY A 57 -1.94 -5.67 -6.57
N PRO A 58 -0.69 -5.95 -6.18
CA PRO A 58 -0.40 -6.93 -5.12
C PRO A 58 -0.56 -6.36 -3.72
N ASP A 59 -1.78 -5.96 -3.38
CA ASP A 59 -2.09 -5.34 -2.11
C ASP A 59 -2.92 -6.27 -1.22
N LEU A 60 -2.87 -5.99 0.08
CA LEU A 60 -3.77 -6.62 1.04
C LEU A 60 -5.22 -6.23 0.77
N ARG A 61 -6.14 -7.16 1.03
CA ARG A 61 -7.57 -6.86 0.95
C ARG A 61 -8.29 -7.53 2.11
N LYS A 62 -9.47 -6.97 2.45
CA LYS A 62 -10.17 -7.38 3.66
C LYS A 62 -10.61 -8.85 3.62
N GLY A 63 -10.87 -9.40 2.44
CA GLY A 63 -11.35 -10.77 2.27
C GLY A 63 -10.31 -11.85 2.48
N VAL A 64 -9.04 -11.49 2.51
CA VAL A 64 -7.93 -12.40 2.80
C VAL A 64 -7.09 -11.77 3.90
N PRO A 65 -7.61 -11.66 5.13
CA PRO A 65 -6.84 -11.04 6.21
C PRO A 65 -5.60 -11.79 6.57
N GLN A 66 -5.54 -13.10 6.27
CA GLN A 66 -4.37 -13.86 6.63
C GLN A 66 -3.14 -13.45 5.83
N ALA A 67 -3.30 -12.65 4.78
CA ALA A 67 -2.16 -12.27 3.97
C ALA A 67 -1.16 -11.41 4.72
N ARG A 68 -1.49 -10.92 5.90
CA ARG A 68 -0.52 -10.15 6.67
C ARG A 68 0.48 -11.02 7.40
N HIS A 69 0.41 -12.35 7.27
CA HIS A 69 1.29 -13.27 7.97
C HIS A 69 2.05 -14.14 6.98
N ALA A 70 3.18 -14.68 7.45
CA ALA A 70 4.05 -15.47 6.59
C ALA A 70 3.30 -16.65 6.00
N HIS A 71 3.42 -16.81 4.68
CA HIS A 71 2.83 -17.89 3.93
C HIS A 71 3.94 -18.63 3.20
N ILE A 72 4.06 -19.92 3.47
CA ILE A 72 4.97 -20.78 2.75
C ILE A 72 4.17 -21.59 1.73
N LEU A 73 4.60 -21.57 0.49
CA LEU A 73 4.00 -22.40 -0.55
C LEU A 73 4.93 -23.60 -0.79
N TRP A 74 4.57 -24.75 -0.21
CA TRP A 74 5.38 -25.95 -0.39
C TRP A 74 5.32 -26.45 -1.83
N SER A 75 6.41 -27.09 -2.25
CA SER A 75 6.51 -27.75 -3.56
C SER A 75 5.23 -28.47 -4.01
N GLY A 76 4.62 -29.25 -3.11
CA GLY A 76 3.41 -29.99 -3.50
C GLY A 76 2.34 -29.07 -4.05
N GLY A 77 2.10 -27.94 -3.39
CA GLY A 77 1.16 -26.96 -3.92
C GLY A 77 1.72 -26.18 -5.09
N ALA A 78 3.00 -25.81 -5.00
CA ALA A 78 3.60 -24.97 -6.04
C ALA A 78 3.64 -25.68 -7.37
N ARG A 79 3.90 -27.00 -7.37
CA ARG A 79 3.88 -27.75 -8.62
C ARG A 79 2.48 -27.77 -9.23
N ILE A 80 1.45 -27.84 -8.39
CA ILE A 80 0.07 -27.89 -8.90
C ILE A 80 -0.33 -26.52 -9.46
N VAL A 81 0.00 -25.44 -8.76
CA VAL A 81 -0.21 -24.09 -9.26
C VAL A 81 0.43 -23.94 -10.64
N GLU A 82 1.65 -24.44 -10.79
CA GLU A 82 2.35 -24.38 -12.08
C GLU A 82 1.66 -25.21 -13.14
N GLU A 83 1.16 -26.38 -12.78
CA GLU A 83 0.45 -27.20 -13.77
C GLU A 83 -0.83 -26.52 -14.23
N LEU A 84 -1.59 -25.93 -13.30
CA LEU A 84 -2.85 -25.31 -13.70
C LEU A 84 -2.63 -23.97 -14.39
N LEU A 85 -1.60 -23.24 -14.00
CA LEU A 85 -1.32 -21.90 -14.54
C LEU A 85 0.15 -21.85 -14.92
N PRO A 86 0.53 -22.52 -16.01
CA PRO A 86 1.94 -22.55 -16.41
C PRO A 86 2.50 -21.15 -16.58
N GLY A 87 3.74 -20.96 -16.12
CA GLY A 87 4.39 -19.67 -16.15
C GLY A 87 4.27 -18.89 -14.85
N THR A 88 3.43 -19.34 -13.92
CA THR A 88 3.24 -18.58 -12.70
C THR A 88 4.52 -18.54 -11.88
N THR A 89 5.23 -19.66 -11.77
CA THR A 89 6.46 -19.68 -10.98
C THR A 89 7.46 -18.65 -11.50
N ASP A 90 7.68 -18.62 -12.80
CA ASP A 90 8.62 -17.64 -13.34
C ASP A 90 8.13 -16.22 -13.16
N ARG A 91 6.82 -16.00 -13.30
CA ARG A 91 6.27 -14.66 -13.06
C ARG A 91 6.48 -14.24 -11.60
N LEU A 92 6.29 -15.17 -10.66
CA LEU A 92 6.55 -14.85 -9.27
C LEU A 92 8.02 -14.51 -9.06
N LEU A 93 8.92 -15.33 -9.59
CA LEU A 93 10.34 -15.06 -9.42
C LEU A 93 10.72 -13.73 -10.07
N GLY A 94 10.17 -13.45 -11.27
CA GLY A 94 10.39 -12.17 -11.90
C GLY A 94 9.90 -11.00 -11.08
N ALA A 95 8.94 -11.23 -10.18
CA ALA A 95 8.39 -10.19 -9.32
C ALA A 95 9.10 -10.08 -7.98
N GLY A 96 10.13 -10.90 -7.74
CA GLY A 96 10.91 -10.87 -6.51
C GLY A 96 10.63 -12.01 -5.55
N ALA A 97 9.74 -12.93 -5.88
CA ALA A 97 9.56 -14.13 -5.05
C ALA A 97 10.83 -14.97 -5.06
N HIS A 98 11.03 -15.75 -3.99
CA HIS A 98 12.22 -16.57 -3.85
C HIS A 98 11.85 -18.04 -3.94
N ARG A 99 12.64 -18.81 -4.70
CA ARG A 99 12.57 -20.26 -4.66
C ARG A 99 13.66 -20.76 -3.71
N ILE A 100 13.25 -21.36 -2.60
CA ILE A 100 14.16 -21.78 -1.54
C ILE A 100 14.15 -23.30 -1.50
N GLY A 101 15.34 -23.91 -1.64
CA GLY A 101 15.44 -25.36 -1.59
C GLY A 101 15.27 -25.89 -0.18
N ILE A 102 14.73 -27.10 -0.10
CA ILE A 102 14.49 -27.77 1.17
C ILE A 102 15.21 -29.11 1.11
N PRO A 103 16.14 -29.42 2.04
CA PRO A 103 16.51 -28.63 3.22
C PRO A 103 17.73 -27.73 3.00
N ASP A 104 18.28 -27.69 1.79
CA ASP A 104 19.54 -26.99 1.60
C ASP A 104 19.41 -25.50 1.86
N GLY A 105 18.25 -24.92 1.57
CA GLY A 105 18.02 -23.51 1.77
C GLY A 105 17.36 -23.09 3.07
N GLN A 106 17.28 -23.96 4.06
CA GLN A 106 16.60 -23.60 5.29
C GLN A 106 17.50 -23.85 6.49
N VAL A 107 17.36 -22.99 7.48
CA VAL A 107 18.05 -23.11 8.76
C VAL A 107 16.96 -23.34 9.80
N SER A 108 16.80 -24.58 10.25
CA SER A 108 15.60 -25.02 10.95
C SER A 108 15.99 -25.74 12.24
N TYR A 109 15.64 -25.15 13.38
CA TYR A 109 15.79 -25.81 14.68
C TYR A 109 14.52 -26.60 14.97
N THR A 110 14.54 -27.90 14.66
CA THR A 110 13.37 -28.74 14.84
C THR A 110 13.20 -29.18 16.29
N ALA A 111 12.05 -29.79 16.57
CA ALA A 111 11.83 -30.43 17.86
C ALA A 111 12.97 -31.36 18.24
N TYR A 112 13.72 -31.85 17.25
CA TYR A 112 14.78 -32.83 17.46
C TYR A 112 16.19 -32.27 17.31
N GLY A 113 16.33 -30.96 17.10
CA GLY A 113 17.62 -30.34 16.88
C GLY A 113 17.70 -29.71 15.50
N TRP A 114 18.87 -29.14 15.22
CA TRP A 114 19.11 -28.53 13.92
C TRP A 114 19.05 -29.56 12.80
N GLN A 115 18.41 -29.16 11.71
CA GLN A 115 18.41 -29.95 10.49
C GLN A 115 19.72 -29.74 9.74
N HIS A 116 20.45 -30.81 9.48
CA HIS A 116 21.62 -30.71 8.62
C HIS A 116 21.16 -30.34 7.21
N ARG A 117 21.85 -29.39 6.59
CA ARG A 117 21.42 -28.87 5.31
C ARG A 117 21.96 -29.75 4.18
N PHE A 118 21.26 -30.87 3.95
CA PHE A 118 21.54 -31.76 2.84
C PHE A 118 21.22 -31.05 1.51
N PRO A 119 21.68 -31.61 0.38
CA PRO A 119 21.31 -31.03 -0.92
C PRO A 119 19.80 -31.00 -1.11
N GLU A 120 19.37 -30.21 -2.09
CA GLU A 120 17.95 -30.01 -2.33
C GLU A 120 17.22 -31.34 -2.53
N ALA A 121 16.10 -31.51 -1.82
CA ALA A 121 15.16 -32.58 -2.11
C ALA A 121 13.82 -32.03 -2.57
N GLN A 122 13.30 -31.00 -1.90
CA GLN A 122 12.07 -30.33 -2.30
C GLN A 122 12.30 -28.83 -2.37
N PHE A 123 11.25 -28.02 -2.44
CA PHE A 123 11.43 -26.57 -2.44
C PHE A 123 10.18 -25.91 -1.92
N MET A 124 10.27 -24.59 -1.76
CA MET A 124 9.11 -23.76 -1.49
C MET A 124 9.27 -22.43 -2.23
N ILE A 125 8.15 -21.73 -2.40
CA ILE A 125 8.12 -20.38 -2.96
C ILE A 125 7.80 -19.41 -1.83
N ALA A 126 8.60 -18.36 -1.70
CA ALA A 126 8.51 -17.41 -0.60
C ALA A 126 8.22 -16.02 -1.15
N CYS A 127 7.06 -15.48 -0.82
CA CYS A 127 6.69 -14.12 -1.24
C CYS A 127 5.51 -13.69 -0.39
N SER A 128 5.16 -12.40 -0.48
CA SER A 128 3.95 -11.95 0.20
C SER A 128 2.75 -12.71 -0.34
N ARG A 129 1.81 -13.00 0.55
CA ARG A 129 0.57 -13.61 0.08
C ARG A 129 -0.18 -12.67 -0.85
N ALA A 130 -0.04 -11.35 -0.64
CA ALA A 130 -0.68 -10.39 -1.55
C ALA A 130 -0.16 -10.53 -2.97
N LEU A 131 1.16 -10.69 -3.12
CA LEU A 131 1.73 -10.88 -4.45
C LEU A 131 1.32 -12.21 -5.07
N LEU A 132 1.35 -13.27 -4.27
CA LEU A 132 0.95 -14.58 -4.78
C LEU A 132 -0.49 -14.54 -5.28
N ASP A 133 -1.39 -13.98 -4.47
CA ASP A 133 -2.79 -13.88 -4.88
C ASP A 133 -2.96 -13.03 -6.13
N TRP A 134 -2.30 -11.87 -6.19
CA TRP A 134 -2.46 -11.04 -7.39
C TRP A 134 -1.98 -11.79 -8.63
N THR A 135 -0.81 -12.39 -8.54
CA THR A 135 -0.24 -13.12 -9.66
C THR A 135 -1.14 -14.26 -10.10
N VAL A 136 -1.63 -15.03 -9.14
CA VAL A 136 -2.50 -16.16 -9.46
C VAL A 136 -3.80 -15.67 -10.08
N ARG A 137 -4.35 -14.59 -9.55
CA ARG A 137 -5.60 -14.06 -10.11
C ARG A 137 -5.39 -13.58 -11.55
N GLU A 138 -4.33 -12.79 -11.78
CA GLU A 138 -4.06 -12.27 -13.12
C GLU A 138 -3.92 -13.39 -14.14
N GLU A 139 -3.14 -14.43 -13.80
CA GLU A 139 -2.96 -15.56 -14.69
C GLU A 139 -4.29 -16.25 -14.96
N THR A 140 -5.09 -16.48 -13.92
CA THR A 140 -6.37 -17.15 -14.10
C THR A 140 -7.29 -16.37 -15.03
N LEU A 141 -7.37 -15.05 -14.84
CA LEU A 141 -8.35 -14.24 -15.56
C LEU A 141 -7.92 -13.92 -16.99
N ARG A 142 -6.74 -14.39 -17.42
CA ARG A 142 -6.42 -14.34 -18.84
C ARG A 142 -7.43 -15.13 -19.66
N GLU A 143 -8.08 -16.12 -19.05
CA GLU A 143 -9.16 -16.85 -19.72
C GLU A 143 -10.43 -16.01 -19.66
N GLU A 144 -10.85 -15.45 -20.81
CA GLU A 144 -12.01 -14.56 -20.78
C GLU A 144 -13.31 -15.30 -20.48
N ARG A 145 -13.31 -16.63 -20.57
CA ARG A 145 -14.49 -17.39 -20.17
C ARG A 145 -14.62 -17.48 -18.65
N ILE A 146 -13.65 -16.97 -17.89
CA ILE A 146 -13.78 -16.80 -16.45
C ILE A 146 -14.02 -15.33 -16.14
N ALA A 147 -15.08 -15.04 -15.37
CA ALA A 147 -15.42 -13.69 -14.98
C ALA A 147 -15.46 -13.60 -13.47
N LEU A 148 -14.77 -12.60 -12.90
CA LEU A 148 -14.83 -12.32 -11.48
C LEU A 148 -15.85 -11.21 -11.22
N VAL A 149 -16.84 -11.49 -10.38
CA VAL A 149 -17.91 -10.55 -10.06
C VAL A 149 -17.69 -10.10 -8.61
N GLU A 150 -17.13 -8.90 -8.44
CA GLU A 150 -16.74 -8.41 -7.13
C GLU A 150 -17.92 -7.74 -6.42
N LYS A 151 -17.71 -7.45 -5.13
CA LYS A 151 -18.68 -6.69 -4.33
C LYS A 151 -20.10 -7.24 -4.50
N THR A 152 -20.21 -8.57 -4.41
CA THR A 152 -21.47 -9.25 -4.61
C THR A 152 -21.67 -10.26 -3.49
N GLU A 153 -22.85 -10.22 -2.86
CA GLU A 153 -23.18 -11.13 -1.77
C GLU A 153 -23.83 -12.40 -2.31
N VAL A 154 -23.61 -13.51 -1.63
CA VAL A 154 -24.24 -14.78 -1.96
C VAL A 154 -25.44 -14.97 -1.05
N LEU A 155 -26.64 -14.91 -1.62
CA LEU A 155 -27.85 -14.98 -0.80
C LEU A 155 -28.31 -16.41 -0.54
N ALA A 156 -28.32 -17.24 -1.58
CA ALA A 156 -28.90 -18.57 -1.48
C ALA A 156 -28.37 -19.44 -2.61
N LEU A 157 -28.31 -20.74 -2.34
CA LEU A 157 -28.14 -21.72 -3.41
C LEU A 157 -29.49 -21.94 -4.09
N LEU A 158 -29.46 -22.06 -5.40
CA LEU A 158 -30.67 -22.33 -6.15
C LEU A 158 -30.91 -23.83 -6.25
N GLY A 159 -32.18 -24.20 -6.29
CA GLY A 159 -32.53 -25.60 -6.39
C GLY A 159 -33.01 -26.15 -5.06
N ASP A 160 -32.57 -27.35 -4.70
CA ASP A 160 -33.02 -27.97 -3.46
C ASP A 160 -31.94 -28.94 -3.00
N ALA A 161 -32.25 -29.70 -1.94
CA ALA A 161 -31.28 -30.65 -1.39
C ALA A 161 -30.88 -31.72 -2.39
N GLY A 162 -31.71 -31.98 -3.40
CA GLY A 162 -31.37 -32.98 -4.40
C GLY A 162 -30.45 -32.49 -5.50
N ARG A 163 -30.55 -31.21 -5.85
CA ARG A 163 -29.70 -30.69 -6.92
C ARG A 163 -29.60 -29.18 -6.80
N VAL A 164 -28.36 -28.67 -6.80
CA VAL A 164 -28.12 -27.23 -6.79
C VAL A 164 -28.05 -26.78 -8.25
N THR A 165 -28.68 -25.65 -8.56
CA THR A 165 -28.83 -25.18 -9.94
C THR A 165 -28.29 -23.77 -10.16
N GLY A 166 -27.54 -23.22 -9.20
CA GLY A 166 -27.00 -21.89 -9.31
C GLY A 166 -27.05 -21.18 -7.98
N VAL A 167 -26.92 -19.85 -8.01
CA VAL A 167 -26.89 -19.06 -6.79
C VAL A 167 -27.68 -17.77 -7.01
N ARG A 168 -28.38 -17.34 -5.99
CA ARG A 168 -28.99 -16.01 -5.95
C ARG A 168 -28.01 -15.07 -5.30
N VAL A 169 -27.69 -13.97 -5.97
CA VAL A 169 -26.71 -13.01 -5.46
C VAL A 169 -27.34 -11.62 -5.36
N ARG A 170 -26.64 -10.73 -4.67
CA ARG A 170 -27.06 -9.34 -4.52
C ARG A 170 -25.87 -8.44 -4.81
N ASP A 171 -26.05 -7.53 -5.76
CA ASP A 171 -25.01 -6.53 -6.02
C ASP A 171 -24.97 -5.54 -4.86
N GLN A 172 -23.79 -5.33 -4.28
CA GLN A 172 -23.71 -4.47 -3.11
C GLN A 172 -24.04 -3.03 -3.45
N GLU A 173 -23.58 -2.54 -4.59
CA GLU A 173 -23.74 -1.12 -4.87
C GLU A 173 -25.17 -0.79 -5.28
N SER A 174 -25.77 -1.61 -6.15
CA SER A 174 -27.13 -1.39 -6.59
C SER A 174 -28.18 -1.99 -5.66
N GLY A 175 -27.83 -3.07 -4.95
CA GLY A 175 -28.82 -3.78 -4.17
C GLY A 175 -29.70 -4.73 -4.97
N GLU A 176 -29.48 -4.82 -6.28
CA GLU A 176 -30.30 -5.66 -7.11
C GLU A 176 -29.89 -7.12 -6.95
N GLU A 177 -30.87 -7.99 -6.98
CA GLU A 177 -30.65 -9.42 -6.86
C GLU A 177 -30.86 -10.09 -8.21
N ARG A 178 -30.10 -11.16 -8.44
CA ARG A 178 -30.29 -11.95 -9.64
C ARG A 178 -29.86 -13.38 -9.35
N GLU A 179 -30.39 -14.29 -10.15
CA GLU A 179 -30.01 -15.69 -10.09
C GLU A 179 -28.92 -15.90 -11.15
N VAL A 180 -27.83 -16.53 -10.74
CA VAL A 180 -26.75 -16.92 -11.65
C VAL A 180 -26.84 -18.43 -11.84
N PRO A 181 -27.15 -18.92 -13.04
CA PRO A 181 -27.34 -20.37 -13.20
C PRO A 181 -26.02 -21.11 -13.19
N ALA A 182 -26.09 -22.39 -12.82
CA ALA A 182 -24.90 -23.22 -12.80
C ALA A 182 -25.26 -24.68 -12.92
N ASP A 183 -24.43 -25.43 -13.66
CA ASP A 183 -24.50 -26.89 -13.55
C ASP A 183 -23.70 -27.39 -12.37
N LEU A 184 -22.72 -26.62 -11.93
CA LEU A 184 -21.89 -26.95 -10.78
C LEU A 184 -21.56 -25.67 -10.01
N VAL A 185 -21.81 -25.69 -8.70
CA VAL A 185 -21.45 -24.62 -7.79
C VAL A 185 -20.32 -25.14 -6.90
N VAL A 186 -19.22 -24.39 -6.82
CA VAL A 186 -18.11 -24.75 -5.94
C VAL A 186 -17.95 -23.64 -4.91
N ASP A 187 -18.11 -23.99 -3.64
CA ASP A 187 -17.90 -23.05 -2.56
C ASP A 187 -16.42 -23.05 -2.20
N THR A 188 -15.76 -21.93 -2.47
CA THR A 188 -14.38 -21.71 -2.05
C THR A 188 -14.28 -20.41 -1.26
N THR A 189 -15.21 -20.18 -0.32
CA THR A 189 -15.25 -18.92 0.39
C THR A 189 -14.39 -18.91 1.65
N GLY A 190 -13.56 -19.95 1.86
CA GLY A 190 -12.51 -19.91 2.84
C GLY A 190 -12.99 -20.27 4.24
N ARG A 191 -12.16 -19.93 5.22
CA ARG A 191 -12.42 -20.34 6.60
C ARG A 191 -13.73 -19.76 7.11
N GLY A 192 -14.12 -18.58 6.63
CA GLY A 192 -15.35 -17.96 7.07
C GLY A 192 -16.54 -18.26 6.19
N SER A 193 -16.53 -19.44 5.57
CA SER A 193 -17.52 -19.75 4.53
C SER A 193 -18.93 -19.72 5.09
N PRO A 194 -19.90 -19.22 4.32
CA PRO A 194 -21.29 -19.21 4.81
C PRO A 194 -22.05 -20.47 4.43
N SER A 195 -21.34 -21.54 4.05
CA SER A 195 -22.05 -22.70 3.50
C SER A 195 -22.82 -23.45 4.57
N LYS A 196 -22.36 -23.44 5.83
CA LYS A 196 -23.18 -24.00 6.90
C LYS A 196 -24.59 -23.41 6.87
N ARG A 197 -24.66 -22.08 6.72
CA ARG A 197 -25.95 -21.41 6.60
C ARG A 197 -26.62 -21.73 5.26
N LEU A 198 -25.87 -21.61 4.16
CA LEU A 198 -26.45 -21.84 2.83
C LEU A 198 -27.02 -23.24 2.73
N LEU A 199 -26.35 -24.23 3.33
CA LEU A 199 -26.79 -25.61 3.19
C LEU A 199 -27.94 -25.92 4.13
N ALA A 200 -27.97 -25.28 5.30
CA ALA A 200 -29.14 -25.40 6.16
C ALA A 200 -30.39 -24.90 5.45
N GLU A 201 -30.28 -23.72 4.82
CA GLU A 201 -31.41 -23.13 4.11
C GLU A 201 -31.76 -23.88 2.83
N LEU A 202 -30.82 -24.66 2.28
CA LEU A 202 -31.13 -25.58 1.20
C LEU A 202 -31.86 -26.82 1.70
N GLY A 203 -31.78 -27.14 2.98
CA GLY A 203 -32.39 -28.34 3.52
C GLY A 203 -31.51 -29.55 3.69
N LEU A 204 -30.18 -29.38 3.83
CA LEU A 204 -29.27 -30.49 4.08
C LEU A 204 -29.08 -30.73 5.58
N PRO A 205 -28.72 -31.94 5.98
CA PRO A 205 -28.35 -32.18 7.39
C PRO A 205 -27.01 -31.52 7.73
N ALA A 206 -26.81 -31.30 9.02
CA ALA A 206 -25.58 -30.66 9.49
C ALA A 206 -24.41 -31.63 9.42
N PRO A 207 -23.25 -31.21 8.89
CA PRO A 207 -22.10 -32.10 8.83
C PRO A 207 -21.45 -32.25 10.19
N GLU A 208 -20.79 -33.38 10.38
CA GLU A 208 -19.95 -33.53 11.55
C GLU A 208 -18.86 -32.48 11.52
N GLU A 209 -18.71 -31.75 12.62
CA GLU A 209 -17.61 -30.79 12.78
C GLU A 209 -16.49 -31.45 13.58
N GLU A 210 -15.27 -31.43 13.03
CA GLU A 210 -14.12 -31.99 13.72
C GLU A 210 -13.12 -30.86 13.94
N PHE A 211 -12.55 -30.75 15.14
CA PHE A 211 -11.52 -29.74 15.29
C PHE A 211 -10.48 -30.16 16.32
N VAL A 212 -9.29 -29.58 16.17
CA VAL A 212 -8.20 -29.66 17.14
C VAL A 212 -7.72 -28.23 17.34
N ASP A 213 -7.95 -27.70 18.54
CA ASP A 213 -7.71 -26.28 18.83
C ASP A 213 -6.62 -26.18 19.89
N SER A 214 -5.38 -25.93 19.45
CA SER A 214 -4.29 -25.70 20.40
C SER A 214 -4.29 -24.29 20.96
N GLY A 215 -5.19 -23.43 20.50
CA GLY A 215 -5.19 -22.05 20.95
C GLY A 215 -4.07 -21.23 20.38
N MET A 216 -3.54 -21.62 19.22
CA MET A 216 -2.38 -20.96 18.67
C MET A 216 -2.71 -19.54 18.24
N VAL A 217 -1.80 -18.62 18.55
CA VAL A 217 -1.91 -17.23 18.16
C VAL A 217 -0.66 -16.84 17.40
N TYR A 218 -0.85 -16.14 16.28
CA TYR A 218 0.24 -15.61 15.46
C TYR A 218 0.52 -14.16 15.81
N ALA A 219 1.76 -13.75 15.58
CA ALA A 219 2.11 -12.33 15.61
C ALA A 219 3.15 -12.10 14.55
N THR A 220 2.97 -11.04 13.75
CA THR A 220 3.84 -10.80 12.60
C THR A 220 4.25 -9.35 12.56
N ARG A 221 5.52 -9.11 12.21
CA ARG A 221 6.04 -7.82 11.81
C ARG A 221 6.81 -7.97 10.51
N LEU A 222 6.76 -6.95 9.65
CA LEU A 222 7.56 -6.90 8.44
C LEU A 222 8.85 -6.13 8.73
N PHE A 223 9.94 -6.57 8.10
CA PHE A 223 11.26 -5.96 8.28
C PHE A 223 11.90 -5.71 6.92
N ARG A 224 12.74 -4.68 6.86
CA ARG A 224 13.62 -4.51 5.72
C ARG A 224 14.93 -5.24 6.01
N ALA A 225 15.26 -6.21 5.17
CA ALA A 225 16.45 -6.99 5.37
C ALA A 225 17.69 -6.12 5.13
N PRO A 226 18.82 -6.48 5.72
CA PRO A 226 20.09 -5.87 5.29
C PRO A 226 20.23 -6.00 3.79
N GLU A 227 20.72 -4.94 3.13
CA GLU A 227 20.65 -4.85 1.67
C GLU A 227 21.30 -6.05 0.99
N ALA A 228 22.48 -6.47 1.47
CA ALA A 228 23.17 -7.58 0.83
C ALA A 228 22.44 -8.92 1.01
N ALA A 229 21.54 -9.01 1.98
CA ALA A 229 20.79 -10.23 2.23
C ALA A 229 19.43 -10.23 1.53
N ALA A 230 19.22 -9.30 0.59
CA ALA A 230 17.92 -9.20 -0.07
C ALA A 230 17.60 -10.41 -0.94
N THR A 231 18.60 -11.17 -1.36
CA THR A 231 18.39 -12.38 -2.15
C THR A 231 19.24 -13.51 -1.59
N ASN A 232 18.88 -14.73 -1.99
CA ASN A 232 19.61 -15.93 -1.59
C ASN A 232 19.74 -16.04 -0.07
N PHE A 233 18.72 -15.57 0.64
CA PHE A 233 18.82 -15.74 2.07
C PHE A 233 17.94 -16.91 2.51
N PRO A 234 18.34 -17.71 3.49
CA PRO A 234 17.58 -18.93 3.79
C PRO A 234 16.27 -18.65 4.51
N LEU A 235 15.36 -19.61 4.39
CA LEU A 235 14.21 -19.69 5.28
C LEU A 235 14.67 -20.14 6.65
N VAL A 236 14.31 -19.39 7.68
CA VAL A 236 14.82 -19.65 9.03
C VAL A 236 13.64 -19.93 9.94
N SER A 237 13.66 -21.08 10.62
CA SER A 237 12.55 -21.42 11.50
C SER A 237 13.07 -22.05 12.79
N VAL A 238 12.44 -21.67 13.89
CA VAL A 238 12.68 -22.25 15.19
C VAL A 238 11.37 -22.85 15.65
N HIS A 239 11.37 -24.17 15.82
CA HIS A 239 10.15 -24.93 16.05
C HIS A 239 9.95 -25.26 17.51
N ALA A 240 8.68 -25.39 17.89
CA ALA A 240 8.36 -25.91 19.21
C ALA A 240 8.72 -27.39 19.30
N ASP A 241 8.89 -27.86 20.53
CA ASP A 241 9.06 -29.29 20.80
C ASP A 241 7.69 -29.82 21.18
N HIS A 242 7.01 -30.45 20.22
CA HIS A 242 5.65 -30.92 20.44
C HIS A 242 5.57 -31.97 21.53
N ARG A 243 6.69 -32.56 21.91
CA ARG A 243 6.72 -33.59 22.94
C ARG A 243 6.93 -33.02 24.33
N ALA A 244 7.23 -31.74 24.45
CA ALA A 244 7.44 -31.12 25.74
C ALA A 244 6.10 -30.66 26.30
N GLY A 245 5.81 -31.04 27.53
CA GLY A 245 4.57 -30.61 28.15
C GLY A 245 4.58 -29.14 28.50
N ARG A 246 4.75 -28.29 27.51
CA ARG A 246 4.74 -26.84 27.69
C ARG A 246 4.12 -26.22 26.45
N PRO A 247 3.64 -24.98 26.53
CA PRO A 247 3.09 -24.32 25.34
C PRO A 247 4.10 -24.35 24.19
N GLY A 248 3.58 -24.59 22.99
CA GLY A 248 4.42 -24.64 21.81
C GLY A 248 4.58 -23.29 21.15
N CYS A 249 5.81 -22.79 21.06
CA CYS A 249 6.11 -21.49 20.48
C CYS A 249 7.10 -21.68 19.35
N ASN A 250 6.88 -20.94 18.26
CA ASN A 250 7.68 -21.00 17.05
C ASN A 250 8.02 -19.59 16.56
N ALA A 251 9.06 -19.52 15.74
CA ALA A 251 9.46 -18.26 15.11
C ALA A 251 9.95 -18.59 13.71
N VAL A 252 9.43 -17.88 12.72
CA VAL A 252 9.77 -18.11 11.32
C VAL A 252 10.14 -16.78 10.67
N LEU A 253 11.27 -16.76 9.98
CA LEU A 253 11.74 -15.62 9.22
C LEU A 253 11.80 -16.02 7.77
N MET A 254 11.06 -15.33 6.91
CA MET A 254 10.95 -15.75 5.53
C MET A 254 11.23 -14.58 4.60
N PRO A 255 12.15 -14.72 3.67
CA PRO A 255 12.35 -13.68 2.65
C PRO A 255 11.10 -13.51 1.82
N ILE A 256 10.79 -12.26 1.48
CA ILE A 256 9.76 -12.01 0.48
C ILE A 256 10.32 -11.01 -0.52
N GLU A 257 9.47 -10.54 -1.42
CA GLU A 257 9.98 -9.69 -2.50
C GLU A 257 10.35 -8.30 -1.97
N ASP A 258 11.10 -7.58 -2.80
CA ASP A 258 11.47 -6.17 -2.54
C ASP A 258 12.36 -6.02 -1.31
N GLY A 259 13.19 -7.02 -1.05
CA GLY A 259 14.17 -6.93 0.01
C GLY A 259 13.60 -6.93 1.41
N ARG A 260 12.44 -7.53 1.62
CA ARG A 260 11.85 -7.55 2.95
C ARG A 260 11.93 -8.96 3.52
N TRP A 261 11.74 -9.03 4.84
CA TRP A 261 11.59 -10.29 5.56
C TRP A 261 10.26 -10.21 6.28
N ILE A 262 9.45 -11.27 6.18
CA ILE A 262 8.27 -11.40 7.01
C ILE A 262 8.61 -12.32 8.17
N VAL A 263 8.34 -11.86 9.39
CA VAL A 263 8.68 -12.62 10.58
C VAL A 263 7.41 -12.88 11.35
N THR A 264 7.07 -14.15 11.52
CA THR A 264 5.87 -14.57 12.21
C THR A 264 6.26 -15.44 13.40
N VAL A 265 5.79 -15.07 14.61
CA VAL A 265 6.02 -15.86 15.82
C VAL A 265 4.67 -16.35 16.31
N SER A 266 4.67 -17.45 17.05
CA SER A 266 3.42 -18.11 17.38
C SER A 266 3.56 -18.87 18.69
N GLY A 267 2.42 -19.10 19.33
CA GLY A 267 2.39 -19.76 20.63
C GLY A 267 1.03 -20.33 20.94
N THR A 268 0.98 -21.53 21.51
CA THR A 268 -0.28 -22.11 21.91
C THR A 268 -0.72 -21.54 23.25
N ARG A 269 -1.85 -22.05 23.73
CA ARG A 269 -2.47 -21.61 24.98
C ARG A 269 -1.46 -21.49 26.12
N GLY A 270 -1.33 -20.27 26.66
CA GLY A 270 -0.38 -20.03 27.72
C GLY A 270 0.98 -19.56 27.28
N GLY A 271 1.23 -19.51 25.97
CA GLY A 271 2.51 -19.06 25.45
C GLY A 271 2.33 -18.17 24.25
N GLU A 272 1.19 -17.49 24.20
CA GLU A 272 0.87 -16.65 23.06
C GLU A 272 1.81 -15.45 22.99
N PRO A 273 2.24 -15.07 21.79
CA PRO A 273 3.09 -13.89 21.68
C PRO A 273 2.30 -12.62 22.01
N PRO A 274 2.97 -11.58 22.49
CA PRO A 274 2.23 -10.38 22.92
C PRO A 274 1.86 -9.53 21.72
N ALA A 275 1.12 -8.46 22.02
CA ALA A 275 0.63 -7.56 20.99
C ALA A 275 1.54 -6.37 20.75
N ASP A 276 2.49 -6.11 21.64
CA ASP A 276 3.30 -4.90 21.58
C ASP A 276 4.60 -5.13 20.82
N ASP A 277 5.07 -4.08 20.16
CA ASP A 277 6.26 -4.19 19.31
C ASP A 277 7.48 -4.59 20.11
N GLU A 278 7.60 -4.10 21.35
CA GLU A 278 8.74 -4.45 22.18
C GLU A 278 8.72 -5.92 22.57
N GLY A 279 7.56 -6.45 22.95
CA GLY A 279 7.46 -7.85 23.30
C GLY A 279 7.66 -8.78 22.12
N PHE A 280 7.51 -8.29 20.89
CA PHE A 280 7.70 -9.13 19.71
C PHE A 280 9.14 -9.63 19.63
N ALA A 281 10.11 -8.72 19.67
CA ALA A 281 11.51 -9.09 19.56
C ALA A 281 11.97 -9.94 20.75
N ARG A 282 11.44 -9.65 21.94
CA ARG A 282 11.76 -10.46 23.10
C ARG A 282 11.20 -11.87 22.95
N PHE A 283 10.01 -12.00 22.36
CA PHE A 283 9.45 -13.32 22.12
C PHE A 283 10.31 -14.10 21.13
N ALA A 284 10.76 -13.43 20.06
CA ALA A 284 11.58 -14.08 19.05
C ALA A 284 12.94 -14.48 19.59
N ARG A 285 13.42 -13.83 20.64
CA ARG A 285 14.67 -14.23 21.28
C ARG A 285 14.45 -15.31 22.35
N ASP A 286 13.57 -15.03 23.31
CA ASP A 286 13.44 -15.82 24.53
C ASP A 286 12.16 -16.65 24.62
N GLY A 287 11.13 -16.32 23.85
CA GLY A 287 9.91 -17.08 23.91
C GLY A 287 10.01 -18.43 23.22
N VAL A 288 10.99 -18.60 22.33
CA VAL A 288 11.18 -19.83 21.58
C VAL A 288 12.47 -20.52 22.04
N ARG A 289 12.68 -21.75 21.55
CA ARG A 289 13.74 -22.63 22.03
C ARG A 289 15.14 -22.21 21.60
N HIS A 290 15.27 -21.31 20.62
CA HIS A 290 16.56 -20.82 20.18
C HIS A 290 16.37 -19.40 19.68
N PRO A 291 17.28 -18.48 19.98
CA PRO A 291 17.05 -17.07 19.66
C PRO A 291 17.48 -16.63 18.27
N LEU A 292 17.77 -17.55 17.34
CA LEU A 292 18.32 -17.17 16.05
C LEU A 292 17.48 -16.12 15.32
N VAL A 293 16.16 -16.31 15.26
CA VAL A 293 15.33 -15.33 14.56
C VAL A 293 15.40 -13.98 15.25
N GLY A 294 15.39 -13.97 16.59
CA GLY A 294 15.56 -12.73 17.33
C GLY A 294 16.88 -12.06 17.02
N GLU A 295 17.93 -12.87 16.86
CA GLU A 295 19.25 -12.34 16.51
C GLU A 295 19.24 -11.70 15.13
N LEU A 296 18.55 -12.32 14.17
CA LEU A 296 18.58 -11.83 12.79
C LEU A 296 17.73 -10.56 12.63
N ILE A 297 16.58 -10.48 13.31
CA ILE A 297 15.78 -9.28 13.14
C ILE A 297 16.46 -8.06 13.76
N ALA A 298 17.35 -8.27 14.73
CA ALA A 298 18.17 -7.20 15.28
C ALA A 298 19.08 -6.61 14.21
C ELY A 299 19.36 -5.85 10.89
N ELY A 299 19.45 -7.16 12.94
O ELY A 299 19.84 -5.57 9.76
CA ELY A 299 20.26 -6.74 11.77
CB ELY A 299 20.80 -7.97 11.02
CD ELY A 299 22.83 -8.18 12.62
CE ELY A 299 23.75 -9.14 13.32
CG ELY A 299 21.78 -8.88 11.76
NZ ELY A 299 24.99 -8.52 13.85
CH1 ELY A 299 25.84 -7.91 12.79
CH2 ELY A 299 25.79 -9.60 14.45
CT1 ELY A 299 26.05 -6.44 13.00
CT2 ELY A 299 26.97 -9.15 15.29
N ALA A 300 17.97 -6.07 11.09
CA ALA A 300 16.99 -5.59 10.10
C ALA A 300 16.26 -4.35 10.62
N GLN A 301 15.49 -3.70 9.73
CA GLN A 301 14.69 -2.53 10.07
C GLN A 301 13.22 -2.88 10.14
N PRO A 302 12.57 -2.75 11.29
CA PRO A 302 11.12 -3.00 11.34
C PRO A 302 10.37 -1.99 10.49
N LEU A 303 9.32 -2.47 9.82
CA LEU A 303 8.50 -1.63 8.96
C LEU A 303 7.04 -1.53 9.38
N THR A 304 6.50 -2.54 10.06
CA THR A 304 5.10 -2.54 10.47
C THR A 304 5.02 -2.91 11.94
N SER A 305 3.94 -2.49 12.59
CA SER A 305 3.74 -2.91 13.97
CA SER A 305 3.73 -2.91 13.97
C SER A 305 3.08 -4.29 14.00
N VAL A 306 3.13 -4.91 15.19
CA VAL A 306 2.69 -6.30 15.34
C VAL A 306 1.24 -6.43 14.91
N GLU A 307 0.96 -7.42 14.07
CA GLU A 307 -0.40 -7.83 13.78
C GLU A 307 -0.57 -9.27 14.23
N ARG A 308 -1.66 -9.56 14.93
CA ARG A 308 -1.92 -10.88 15.45
C ARG A 308 -3.07 -11.55 14.71
N SER A 309 -3.13 -12.87 14.83
CA SER A 309 -4.21 -13.68 14.27
C SER A 309 -4.43 -14.88 15.16
N ARG A 310 -5.71 -15.21 15.37
CA ARG A 310 -6.12 -16.41 16.10
C ARG A 310 -6.80 -17.41 15.18
N SER A 311 -6.73 -17.22 13.87
CA SER A 311 -7.36 -18.13 12.91
C SER A 311 -6.43 -19.32 12.71
N THR A 312 -6.30 -20.11 13.77
CA THR A 312 -5.30 -21.16 13.83
C THR A 312 -5.85 -22.55 14.16
N VAL A 313 -7.17 -22.69 14.29
CA VAL A 313 -7.75 -23.98 14.65
C VAL A 313 -7.74 -24.90 13.44
N ASN A 314 -7.38 -26.15 13.67
CA ASN A 314 -7.66 -27.19 12.68
C ASN A 314 -9.14 -27.51 12.74
N ARG A 315 -9.90 -27.14 11.71
CA ARG A 315 -11.34 -27.40 11.71
C ARG A 315 -11.74 -28.02 10.38
N ARG A 316 -12.56 -29.06 10.44
CA ARG A 316 -12.93 -29.84 9.27
C ARG A 316 -14.43 -30.11 9.31
N LEU A 317 -15.10 -30.00 8.17
CA LEU A 317 -16.52 -30.31 8.07
C LEU A 317 -16.69 -31.50 7.14
N HIS A 318 -17.27 -32.59 7.65
CA HIS A 318 -17.32 -33.85 6.89
C HIS A 318 -18.55 -33.88 5.99
N TYR A 319 -18.53 -32.96 5.03
CA TYR A 319 -19.60 -32.92 4.03
C TYR A 319 -19.69 -34.22 3.26
N ASP A 320 -18.56 -34.87 3.04
CA ASP A 320 -18.53 -36.10 2.26
C ASP A 320 -19.24 -37.25 2.97
N ARG A 321 -19.51 -37.13 4.28
CA ARG A 321 -20.16 -38.19 5.01
C ARG A 321 -21.64 -37.89 5.32
N LEU A 322 -22.17 -36.80 4.77
CA LEU A 322 -23.58 -36.51 4.97
C LEU A 322 -24.42 -37.62 4.36
N ALA A 323 -25.54 -37.91 5.00
CA ALA A 323 -26.40 -38.99 4.49
C ALA A 323 -26.91 -38.66 3.10
N THR A 324 -27.17 -37.38 2.83
CA THR A 324 -27.61 -36.93 1.52
C THR A 324 -26.80 -35.70 1.11
N TRP A 325 -26.62 -35.55 -0.22
CA TRP A 325 -25.80 -34.48 -0.77
C TRP A 325 -26.38 -34.05 -2.09
N PRO A 326 -26.42 -32.75 -2.41
CA PRO A 326 -27.04 -32.33 -3.67
C PRO A 326 -26.13 -32.58 -4.86
N GLU A 327 -26.74 -32.98 -5.97
CA GLU A 327 -26.02 -32.94 -7.24
C GLU A 327 -25.56 -31.52 -7.50
N GLY A 328 -24.38 -31.39 -8.10
CA GLY A 328 -23.94 -30.08 -8.55
C GLY A 328 -23.41 -29.13 -7.49
N LEU A 329 -23.00 -29.63 -6.32
CA LEU A 329 -22.40 -28.79 -5.29
C LEU A 329 -21.15 -29.44 -4.73
N VAL A 330 -20.07 -28.66 -4.66
CA VAL A 330 -18.80 -29.11 -4.11
C VAL A 330 -18.25 -28.00 -3.24
N VAL A 331 -17.61 -28.36 -2.12
CA VAL A 331 -16.99 -27.40 -1.21
C VAL A 331 -15.53 -27.76 -1.10
N LEU A 332 -14.63 -26.79 -1.34
CA LEU A 332 -13.22 -27.14 -1.20
C LEU A 332 -12.44 -25.93 -0.74
N GLY A 333 -11.20 -26.20 -0.32
CA GLY A 333 -10.38 -25.19 0.31
C GLY A 333 -10.66 -25.11 1.81
N ASP A 334 -10.30 -23.97 2.39
CA ASP A 334 -10.54 -23.75 3.82
C ASP A 334 -12.02 -23.92 4.18
N ALA A 335 -12.91 -23.81 3.18
CA ALA A 335 -14.34 -23.95 3.44
C ALA A 335 -14.71 -25.34 3.92
N VAL A 336 -13.93 -26.35 3.58
CA VAL A 336 -14.19 -27.71 4.01
C VAL A 336 -13.18 -28.18 5.07
N ALA A 337 -11.91 -27.81 4.93
CA ALA A 337 -10.90 -28.20 5.92
C ALA A 337 -9.89 -27.07 6.04
N ALA A 338 -9.69 -26.59 7.25
CA ALA A 338 -8.74 -25.53 7.54
C ALA A 338 -7.79 -26.04 8.60
N PHE A 339 -6.56 -25.53 8.57
CA PHE A 339 -5.48 -26.09 9.35
C PHE A 339 -4.82 -25.01 10.20
N ASN A 340 -4.10 -25.46 11.22
CA ASN A 340 -3.18 -24.59 11.94
C ASN A 340 -2.08 -24.16 10.99
N PRO A 341 -1.89 -22.87 10.76
CA PRO A 341 -0.98 -22.41 9.70
C PRO A 341 0.49 -22.66 9.95
N VAL A 342 0.90 -22.95 11.19
CA VAL A 342 2.32 -23.15 11.48
C VAL A 342 2.93 -24.27 10.64
N TYR A 343 2.11 -25.22 10.18
CA TYR A 343 2.62 -26.29 9.34
C TYR A 343 2.65 -25.90 7.87
N GLY A 344 1.89 -24.88 7.48
CA GLY A 344 2.04 -24.26 6.17
C GLY A 344 1.46 -25.03 5.01
N HIS A 345 0.35 -25.73 5.22
CA HIS A 345 -0.19 -26.64 4.21
C HIS A 345 -1.42 -26.12 3.48
N GLY A 346 -2.09 -25.08 3.98
CA GLY A 346 -3.43 -24.74 3.49
C GLY A 346 -3.53 -24.57 1.99
N MET A 347 -2.60 -23.81 1.40
CA MET A 347 -2.70 -23.55 -0.03
C MET A 347 -2.42 -24.82 -0.85
N SER A 348 -1.54 -25.69 -0.35
CA SER A 348 -1.24 -26.92 -1.06
C SER A 348 -2.37 -27.94 -0.91
N ALA A 349 -3.04 -27.97 0.25
CA ALA A 349 -4.22 -28.82 0.41
C ALA A 349 -5.34 -28.41 -0.54
N ALA A 350 -5.56 -27.10 -0.68
CA ALA A 350 -6.55 -26.62 -1.65
C ALA A 350 -6.19 -27.03 -3.07
N ALA A 351 -4.92 -26.88 -3.45
CA ALA A 351 -4.47 -27.25 -4.78
C ALA A 351 -4.68 -28.75 -5.03
N HIS A 352 -4.31 -29.58 -4.05
CA HIS A 352 -4.58 -31.02 -4.17
C HIS A 352 -6.07 -31.29 -4.32
N SER A 353 -6.88 -30.46 -3.66
CA SER A 353 -8.32 -30.65 -3.68
C SER A 353 -8.90 -30.23 -5.03
N VAL A 354 -8.29 -29.25 -5.69
CA VAL A 354 -8.72 -28.90 -7.05
C VAL A 354 -8.44 -30.06 -8.00
N LEU A 355 -7.28 -30.69 -7.87
CA LEU A 355 -6.99 -31.84 -8.75
C LEU A 355 -7.89 -33.02 -8.46
N ALA A 356 -8.33 -33.17 -7.20
CA ALA A 356 -9.29 -34.23 -6.90
C ALA A 356 -10.61 -34.01 -7.62
N LEU A 357 -11.10 -32.77 -7.63
CA LEU A 357 -12.27 -32.47 -8.44
C LEU A 357 -12.02 -32.72 -9.91
N ARG A 358 -10.86 -32.29 -10.42
CA ARG A 358 -10.55 -32.53 -11.83
C ARG A 358 -10.57 -34.01 -12.16
N SER A 359 -10.02 -34.82 -11.25
CA SER A 359 -10.02 -36.28 -11.43
C SER A 359 -11.44 -36.81 -11.58
N GLN A 360 -12.34 -36.42 -10.69
CA GLN A 360 -13.70 -36.93 -10.77
C GLN A 360 -14.42 -36.38 -11.99
N LEU A 361 -14.11 -35.15 -12.40
CA LEU A 361 -14.69 -34.64 -13.64
C LEU A 361 -14.26 -35.47 -14.84
N GLY A 362 -12.99 -35.87 -14.86
CA GLY A 362 -12.51 -36.68 -15.97
C GLY A 362 -13.11 -38.07 -15.98
N GLN A 363 -13.49 -38.58 -14.81
CA GLN A 363 -14.04 -39.92 -14.67
C GLN A 363 -15.55 -39.96 -14.88
N ARG A 364 -16.28 -38.97 -14.36
CA ARG A 364 -17.73 -39.02 -14.31
C ARG A 364 -18.41 -37.93 -15.14
N ALA A 365 -17.64 -37.03 -15.76
CA ALA A 365 -18.18 -35.86 -16.46
C ALA A 365 -19.20 -35.20 -15.52
N PHE A 366 -20.44 -34.98 -15.94
CA PHE A 366 -21.44 -34.35 -15.10
C PHE A 366 -22.61 -35.27 -14.78
N GLN A 367 -22.38 -36.58 -14.80
CA GLN A 367 -23.43 -37.53 -14.45
C GLN A 367 -23.83 -37.36 -12.99
N PRO A 368 -25.00 -37.87 -12.60
CA PRO A 368 -25.36 -37.87 -11.19
C PRO A 368 -24.37 -38.73 -10.43
N GLY A 369 -23.89 -38.20 -9.32
CA GLY A 369 -22.80 -38.81 -8.58
C GLY A 369 -21.52 -38.00 -8.62
N LEU A 370 -21.41 -37.04 -9.54
CA LEU A 370 -20.19 -36.25 -9.66
C LEU A 370 -19.88 -35.52 -8.36
N ALA A 371 -20.84 -34.71 -7.87
CA ALA A 371 -20.56 -33.88 -6.70
C ALA A 371 -20.20 -34.73 -5.48
N ARG A 372 -20.97 -35.80 -5.25
CA ARG A 372 -20.69 -36.68 -4.11
C ARG A 372 -19.31 -37.29 -4.22
N ALA A 373 -18.97 -37.83 -5.40
CA ALA A 373 -17.66 -38.43 -5.61
C ALA A 373 -16.54 -37.41 -5.47
N ALA A 374 -16.77 -36.18 -5.94
CA ALA A 374 -15.75 -35.16 -5.75
C ALA A 374 -15.59 -34.82 -4.28
N GLN A 375 -16.69 -34.65 -3.56
CA GLN A 375 -16.60 -34.33 -2.13
C GLN A 375 -15.81 -35.41 -1.39
N ARG A 376 -16.08 -36.68 -1.69
CA ARG A 376 -15.32 -37.78 -1.12
C ARG A 376 -13.84 -37.70 -1.47
N ALA A 377 -13.54 -37.44 -2.75
CA ALA A 377 -12.15 -37.34 -3.19
C ALA A 377 -11.43 -36.17 -2.55
N ILE A 378 -12.16 -35.09 -2.27
CA ILE A 378 -11.55 -33.94 -1.64
C ILE A 378 -11.23 -34.25 -0.19
N ALA A 379 -12.06 -35.08 0.43
CA ALA A 379 -11.79 -35.54 1.79
C ALA A 379 -10.49 -36.33 1.83
N VAL A 380 -10.27 -37.20 0.85
CA VAL A 380 -9.00 -37.92 0.76
C VAL A 380 -7.87 -36.94 0.56
N ALA A 381 -8.08 -35.96 -0.34
CA ALA A 381 -7.03 -35.04 -0.76
C ALA A 381 -6.46 -34.22 0.40
N VAL A 382 -7.31 -33.84 1.36
CA VAL A 382 -6.87 -33.02 2.50
C VAL A 382 -6.38 -33.85 3.67
N ASP A 383 -6.48 -35.18 3.58
CA ASP A 383 -6.32 -35.99 4.78
C ASP A 383 -4.89 -35.94 5.31
N ASP A 384 -3.89 -35.89 4.43
CA ASP A 384 -2.50 -35.90 4.91
C ASP A 384 -2.16 -34.60 5.64
N ALA A 385 -2.50 -33.45 5.03
CA ALA A 385 -2.35 -32.17 5.71
C ALA A 385 -3.09 -32.16 7.04
N TRP A 386 -4.28 -32.78 7.08
CA TRP A 386 -5.08 -32.80 8.30
C TRP A 386 -4.37 -33.57 9.41
N VAL A 387 -3.91 -34.79 9.09
CA VAL A 387 -3.22 -35.62 10.07
C VAL A 387 -1.92 -34.98 10.52
N LEU A 388 -1.15 -34.41 9.60
CA LEU A 388 0.14 -33.83 9.95
C LEU A 388 -0.02 -32.69 10.94
N ALA A 389 -1.07 -31.88 10.76
CA ALA A 389 -1.25 -30.75 11.66
C ALA A 389 -1.83 -31.19 13.00
N THR A 390 -2.89 -32.00 12.94
CA THR A 390 -3.61 -32.38 14.16
C THR A 390 -2.77 -33.33 15.03
N SER A 391 -2.03 -34.24 14.41
CA SER A 391 -1.17 -35.15 15.18
C SER A 391 -0.18 -34.40 16.06
N HIS A 392 0.29 -33.23 15.63
CA HIS A 392 1.29 -32.50 16.40
C HIS A 392 0.68 -31.43 17.29
N ASP A 393 -0.58 -31.05 17.05
CA ASP A 393 -1.26 -30.09 17.90
C ASP A 393 -1.95 -30.74 19.08
N ILE A 394 -2.37 -32.00 18.96
CA ILE A 394 -3.20 -32.61 20.00
C ILE A 394 -2.49 -32.70 21.33
N GLY A 395 -1.16 -32.70 21.32
CA GLY A 395 -0.44 -32.90 22.58
C GLY A 395 -0.22 -31.67 23.44
N TYR A 396 -0.49 -30.46 22.93
CA TYR A 396 -0.10 -29.26 23.66
C TYR A 396 -0.99 -29.06 24.87
N PRO A 397 -0.46 -28.43 25.93
CA PRO A 397 -1.27 -28.20 27.13
C PRO A 397 -2.54 -27.42 26.79
N GLY A 398 -3.67 -27.91 27.30
CA GLY A 398 -4.94 -27.23 27.11
C GLY A 398 -5.56 -27.34 25.74
N CYS A 399 -5.00 -28.19 24.87
CA CYS A 399 -5.61 -28.43 23.58
C CYS A 399 -7.05 -28.92 23.72
N ARG A 400 -7.94 -28.35 22.91
CA ARG A 400 -9.35 -28.73 22.86
C ARG A 400 -9.61 -29.53 21.60
N THR A 401 -10.27 -30.67 21.74
CA THR A 401 -10.50 -31.50 20.56
C THR A 401 -11.95 -31.91 20.48
N GLN A 402 -12.42 -32.09 19.26
CA GLN A 402 -13.71 -32.68 18.98
C GLN A 402 -13.49 -33.55 17.75
N THR A 403 -13.30 -34.85 17.98
CA THR A 403 -12.97 -35.75 16.91
C THR A 403 -13.43 -37.14 17.26
N ARG A 404 -13.70 -37.93 16.24
CA ARG A 404 -13.96 -39.36 16.38
C ARG A 404 -12.95 -40.17 15.59
N ASP A 405 -11.86 -39.54 15.22
CA ASP A 405 -10.81 -40.21 14.46
C ASP A 405 -9.87 -40.96 15.40
N PRO A 406 -9.83 -42.30 15.36
CA PRO A 406 -8.94 -43.03 16.28
C PRO A 406 -7.45 -42.75 16.06
N ARG A 407 -7.07 -42.27 14.87
CA ARG A 407 -5.69 -41.90 14.63
C ARG A 407 -5.21 -40.76 15.53
N LEU A 408 -6.14 -39.94 16.04
CA LEU A 408 -5.77 -38.80 16.87
C LEU A 408 -5.83 -39.13 18.34
N THR A 409 -6.48 -40.22 18.71
CA THR A 409 -6.65 -40.59 20.10
C THR A 409 -6.03 -41.95 20.39
N ARG A 410 -6.84 -43.01 20.29
CA ARG A 410 -6.39 -44.37 20.57
C ARG A 410 -5.31 -44.76 19.59
N HIS A 411 -4.11 -44.99 20.12
CA HIS A 411 -2.89 -45.27 19.35
C HIS A 411 -2.37 -44.05 18.60
N ALA A 412 -2.73 -42.84 19.03
CA ALA A 412 -2.01 -41.66 18.55
C ALA A 412 -0.55 -41.73 18.97
N GLY A 413 -0.29 -42.29 20.16
CA GLY A 413 1.08 -42.41 20.64
C GLY A 413 1.94 -43.28 19.72
N GLU A 414 1.38 -44.41 19.26
CA GLU A 414 2.16 -45.27 18.38
C GLU A 414 2.43 -44.59 17.04
N ARG A 415 1.44 -43.88 16.50
CA ARG A 415 1.68 -43.12 15.28
C ARG A 415 2.72 -42.04 15.50
N GLN A 416 2.74 -41.46 16.71
CA GLN A 416 3.67 -40.40 17.08
C GLN A 416 5.06 -40.94 17.39
N ARG A 417 5.16 -42.15 17.97
CA ARG A 417 6.46 -42.77 18.19
C ARG A 417 7.20 -42.99 16.88
N VAL A 418 6.50 -43.41 15.83
CA VAL A 418 7.13 -43.56 14.52
C VAL A 418 7.48 -42.20 13.92
N THR A 419 6.55 -41.24 14.00
CA THR A 419 6.83 -39.91 13.46
C THR A 419 8.02 -39.28 14.16
N ASP A 420 8.15 -39.47 15.47
CA ASP A 420 9.27 -38.86 16.19
C ASP A 420 10.59 -39.51 15.82
N LEU A 421 10.58 -40.83 15.58
CA LEU A 421 11.79 -41.51 15.13
C LEU A 421 12.18 -41.08 13.73
N VAL A 422 11.20 -40.98 12.82
CA VAL A 422 11.48 -40.41 11.49
C VAL A 422 11.96 -38.97 11.62
N GLY A 423 11.27 -38.18 12.45
CA GLY A 423 11.65 -36.78 12.60
C GLY A 423 13.04 -36.61 13.17
N LEU A 424 13.40 -37.43 14.16
CA LEU A 424 14.74 -37.39 14.74
C LEU A 424 15.79 -37.78 13.71
N THR A 425 15.56 -38.89 13.00
CA THR A 425 16.58 -39.39 12.08
C THR A 425 16.70 -38.49 10.85
N ALA A 426 15.61 -37.83 10.45
CA ALA A 426 15.65 -36.94 9.29
C ALA A 426 16.65 -35.80 9.48
N THR A 427 16.86 -35.34 10.72
CA THR A 427 17.79 -34.24 10.94
C THR A 427 19.20 -34.59 10.53
N ARG A 428 19.56 -35.88 10.51
CA ARG A 428 20.95 -36.27 10.33
C ARG A 428 21.14 -37.40 9.32
N ASN A 429 20.11 -37.71 8.53
CA ASN A 429 20.18 -38.80 7.55
C ASN A 429 19.50 -38.33 6.27
N GLN A 430 20.23 -38.35 5.15
CA GLN A 430 19.72 -37.72 3.92
C GLN A 430 18.53 -38.49 3.35
N VAL A 431 18.56 -39.82 3.39
CA VAL A 431 17.50 -40.59 2.77
C VAL A 431 16.20 -40.46 3.58
N VAL A 432 16.30 -40.42 4.90
CA VAL A 432 15.10 -40.21 5.70
C VAL A 432 14.59 -38.79 5.50
N ASN A 433 15.51 -37.81 5.46
CA ASN A 433 15.10 -36.44 5.21
C ASN A 433 14.35 -36.33 3.88
N ARG A 434 14.89 -36.91 2.81
CA ARG A 434 14.24 -36.82 1.50
C ARG A 434 12.80 -37.32 1.56
N ALA A 435 12.57 -38.43 2.25
CA ALA A 435 11.21 -38.95 2.37
C ALA A 435 10.36 -38.04 3.24
N ALA A 436 10.91 -37.57 4.35
CA ALA A 436 10.15 -36.71 5.26
C ALA A 436 9.71 -35.43 4.57
N VAL A 437 10.62 -34.79 3.83
CA VAL A 437 10.29 -33.51 3.19
C VAL A 437 9.36 -33.74 2.00
N ALA A 438 9.44 -34.89 1.33
CA ALA A 438 8.44 -35.20 0.32
C ALA A 438 7.04 -35.21 0.93
N LEU A 439 6.89 -35.85 2.09
CA LEU A 439 5.60 -35.89 2.76
C LEU A 439 5.22 -34.52 3.29
N ASN A 440 6.16 -33.81 3.91
CA ASN A 440 5.78 -32.58 4.58
C ASN A 440 5.42 -31.48 3.58
N THR A 441 5.97 -31.54 2.36
CA THR A 441 5.58 -30.60 1.31
C THR A 441 4.35 -31.06 0.54
N LEU A 442 3.72 -32.16 0.96
CA LEU A 442 2.57 -32.73 0.28
C LEU A 442 2.93 -33.12 -1.15
N SER A 443 4.18 -33.56 -1.35
CA SER A 443 4.67 -34.12 -2.60
C SER A 443 4.61 -35.64 -2.62
N ALA A 444 4.30 -36.27 -1.49
CA ALA A 444 4.13 -37.71 -1.40
C ALA A 444 3.08 -37.98 -0.32
N GLY A 445 2.47 -39.17 -0.39
CA GLY A 445 1.43 -39.54 0.57
C GLY A 445 1.99 -40.04 1.90
N MET A 446 1.10 -40.09 2.89
CA MET A 446 1.46 -40.57 4.23
C MET A 446 2.07 -41.97 4.20
N ALA A 447 1.49 -42.87 3.41
CA ALA A 447 1.96 -44.25 3.38
C ALA A 447 3.39 -44.36 2.85
N SER A 448 3.82 -43.40 2.03
CA SER A 448 5.17 -43.39 1.50
C SER A 448 6.23 -43.61 2.58
N MET A 449 5.95 -43.18 3.82
CA MET A 449 6.93 -43.29 4.89
C MET A 449 7.08 -44.71 5.42
N GLN A 450 6.12 -45.60 5.12
CA GLN A 450 6.21 -47.00 5.49
C GLN A 450 6.88 -47.85 4.42
N ASP A 451 7.35 -47.24 3.33
CA ASP A 451 8.21 -47.93 2.38
C ASP A 451 9.36 -48.61 3.12
N PRO A 452 9.63 -49.90 2.88
CA PRO A 452 10.69 -50.58 3.65
C PRO A 452 12.03 -49.89 3.60
N ALA A 453 12.39 -49.34 2.45
CA ALA A 453 13.67 -48.65 2.31
C ALA A 453 13.75 -47.41 3.19
N VAL A 454 12.64 -46.71 3.41
CA VAL A 454 12.67 -45.59 4.33
C VAL A 454 12.91 -46.08 5.76
N MET A 455 12.15 -47.09 6.19
CA MET A 455 12.33 -47.59 7.55
C MET A 455 13.73 -48.16 7.73
N ALA A 456 14.34 -48.67 6.66
CA ALA A 456 15.72 -49.17 6.75
C ALA A 456 16.69 -48.03 7.01
N ALA A 457 16.55 -46.93 6.26
CA ALA A 457 17.38 -45.76 6.51
C ALA A 457 17.18 -45.23 7.92
N VAL A 458 15.93 -45.25 8.41
CA VAL A 458 15.67 -44.81 9.78
C VAL A 458 16.48 -45.64 10.77
N ARG A 459 16.51 -46.96 10.56
CA ARG A 459 17.28 -47.84 11.44
C ARG A 459 18.79 -47.69 11.24
N ARG A 460 19.23 -47.28 10.03
CA ARG A 460 20.64 -46.99 9.82
C ARG A 460 21.10 -45.78 10.64
N GLY A 461 20.18 -44.89 10.98
CA GLY A 461 20.48 -43.77 11.86
C GLY A 461 21.28 -42.66 11.22
N PRO A 462 21.92 -41.84 12.06
CA PRO A 462 22.60 -40.64 11.56
C PRO A 462 23.84 -40.94 10.72
N GLU A 463 24.01 -40.16 9.66
CA GLU A 463 25.22 -40.20 8.87
C GLU A 463 26.04 -38.92 8.99
N VAL A 464 25.54 -37.90 9.69
CA VAL A 464 26.32 -36.70 9.99
C VAL A 464 26.16 -36.39 11.46
N PRO A 465 27.12 -35.68 12.06
CA PRO A 465 26.97 -35.22 13.43
C PRO A 465 25.81 -34.24 13.57
N ALA A 466 25.18 -34.24 14.73
CA ALA A 466 24.20 -33.21 15.03
C ALA A 466 24.89 -31.85 15.04
N PRO A 467 24.40 -30.88 14.26
CA PRO A 467 24.97 -29.53 14.33
C PRO A 467 24.88 -28.99 15.75
N THR A 468 25.94 -28.32 16.19
CA THR A 468 25.97 -27.74 17.54
C THR A 468 25.67 -26.26 17.52
N GLU A 469 25.44 -25.70 16.34
CA GLU A 469 25.21 -24.28 16.11
C GLU A 469 24.28 -24.18 14.92
N PRO A 470 23.58 -23.05 14.75
CA PRO A 470 22.77 -22.85 13.55
C PRO A 470 23.60 -23.11 12.31
N PRO A 471 23.15 -24.00 11.41
CA PRO A 471 23.96 -24.33 10.22
C PRO A 471 23.93 -23.23 9.16
N LEU A 472 24.30 -22.02 9.57
CA LEU A 472 24.42 -20.92 8.64
C LEU A 472 25.73 -20.99 7.88
N ARG A 473 25.72 -20.61 6.60
CA ARG A 473 26.93 -20.52 5.79
C ARG A 473 27.66 -19.21 6.07
N PRO A 474 29.00 -19.21 6.06
CA PRO A 474 29.72 -17.94 6.15
C PRO A 474 29.20 -16.88 5.17
N ASP A 475 28.96 -17.23 3.91
CA ASP A 475 28.55 -16.22 2.94
C ASP A 475 27.12 -15.74 3.16
N GLU A 476 26.32 -16.43 3.97
CA GLU A 476 25.01 -15.91 4.35
C GLU A 476 25.14 -14.86 5.45
N VAL A 477 25.92 -15.18 6.49
CA VAL A 477 26.11 -14.24 7.60
C VAL A 477 26.87 -13.00 7.16
N ALA A 478 27.80 -13.17 6.21
CA ALA A 478 28.53 -12.02 5.68
C ALA A 478 27.59 -10.94 5.13
N ARG A 479 26.42 -11.33 4.64
CA ARG A 479 25.53 -10.38 3.99
C ARG A 479 24.60 -9.67 4.98
N LEU A 480 24.75 -9.93 6.29
CA LEU A 480 23.96 -9.22 7.28
C LEU A 480 24.54 -7.85 7.63
N VAL A 481 25.71 -7.50 7.10
CA VAL A 481 26.31 -6.20 7.29
C VAL A 481 26.68 -5.63 5.93
N SER A 482 26.71 -4.29 5.83
CA SER A 482 27.08 -3.64 4.58
C SER A 482 28.59 -3.49 4.42
N GLY A 483 29.30 -3.24 5.52
CA GLY A 483 30.67 -2.81 5.43
C GLY A 483 30.83 -1.35 5.03
N ALA A 484 29.77 -0.55 5.15
CA ALA A 484 29.78 0.81 4.62
C ALA A 484 30.77 1.72 5.35
N GLY A 485 30.80 1.66 6.69
CA GLY A 485 31.64 2.53 7.48
C GLY A 485 33.10 2.11 7.64
N VAL A 486 33.65 1.46 6.62
CA VAL A 486 35.01 0.92 6.66
C VAL A 486 35.74 1.39 5.41
N THR A 487 36.85 2.10 5.60
CA THR A 487 37.69 2.49 4.47
C THR A 487 38.43 1.27 3.93
N THR B 20 33.60 21.65 4.39
CA THR B 20 33.53 22.81 5.27
C THR B 20 32.10 23.25 5.55
N ARG B 21 31.85 23.69 6.79
CA ARG B 21 30.54 24.15 7.24
C ARG B 21 29.52 23.02 7.23
N SER B 22 28.51 23.12 8.09
CA SER B 22 27.52 22.08 8.28
C SER B 22 26.12 22.68 8.28
N ALA B 23 25.17 21.99 7.66
CA ALA B 23 23.76 22.39 7.70
C ALA B 23 22.94 21.28 8.34
N VAL B 24 21.91 21.67 9.08
CA VAL B 24 20.87 20.75 9.55
C VAL B 24 19.53 21.21 8.99
N VAL B 25 18.79 20.28 8.40
CA VAL B 25 17.47 20.53 7.85
C VAL B 25 16.46 19.76 8.70
N LEU B 26 15.43 20.45 9.19
CA LEU B 26 14.39 19.82 9.99
C LEU B 26 13.23 19.45 9.06
N GLY B 27 12.96 18.15 8.91
CA GLY B 27 11.89 17.69 8.04
C GLY B 27 12.40 17.31 6.67
N GLY B 28 12.14 16.07 6.25
CA GLY B 28 12.63 15.60 4.98
C GLY B 28 11.57 15.43 3.91
N GLY B 29 10.59 16.34 3.89
CA GLY B 29 9.56 16.37 2.88
C GLY B 29 10.02 17.12 1.64
N MET B 30 9.08 17.74 0.93
CA MET B 30 9.44 18.36 -0.33
C MET B 30 10.44 19.50 -0.12
N ALA B 31 10.09 20.45 0.75
CA ALA B 31 11.00 21.56 0.99
C ALA B 31 12.32 21.10 1.57
N GLY B 32 12.29 20.10 2.46
CA GLY B 32 13.53 19.64 3.06
C GLY B 32 14.47 19.00 2.04
N MET B 33 13.93 18.16 1.16
CA MET B 33 14.78 17.53 0.15
C MET B 33 15.34 18.56 -0.82
N LEU B 34 14.48 19.45 -1.34
CA LEU B 34 14.96 20.47 -2.26
C LEU B 34 16.02 21.34 -1.60
N VAL B 35 15.76 21.81 -0.38
CA VAL B 35 16.74 22.69 0.26
C VAL B 35 18.02 21.93 0.57
N SER B 36 17.94 20.63 0.86
CA SER B 36 19.14 19.86 1.17
C SER B 36 20.00 19.65 -0.07
N SER B 37 19.37 19.36 -1.21
CA SER B 37 20.14 19.21 -2.45
C SER B 37 20.88 20.50 -2.78
N MET B 38 20.23 21.65 -2.55
CA MET B 38 20.85 22.94 -2.80
C MET B 38 21.99 23.21 -1.83
N LEU B 39 21.73 23.01 -0.53
CA LEU B 39 22.71 23.34 0.49
C LEU B 39 23.99 22.52 0.34
N ALA B 40 23.86 21.25 -0.05
CA ALA B 40 25.04 20.39 -0.19
C ALA B 40 26.00 20.89 -1.26
N ARG B 41 25.54 21.77 -2.14
CA ARG B 41 26.45 22.41 -3.07
C ARG B 41 27.16 23.60 -2.46
N HIS B 42 26.82 23.98 -1.22
CA HIS B 42 27.41 25.12 -0.55
C HIS B 42 28.03 24.79 0.80
N VAL B 43 27.77 23.61 1.37
CA VAL B 43 28.33 23.21 2.66
C VAL B 43 28.89 21.80 2.55
N GLY B 44 29.67 21.43 3.57
CA GLY B 44 30.32 20.12 3.58
C GLY B 44 29.36 18.98 3.82
N SER B 45 28.36 19.17 4.68
CA SER B 45 27.42 18.10 4.92
C SER B 45 26.08 18.68 5.33
N VAL B 46 25.03 17.91 5.03
CA VAL B 46 23.65 18.22 5.38
C VAL B 46 23.08 17.03 6.14
N THR B 47 22.51 17.29 7.31
CA THR B 47 21.83 16.26 8.09
C THR B 47 20.36 16.63 8.16
N VAL B 48 19.49 15.72 7.73
CA VAL B 48 18.05 15.96 7.70
C VAL B 48 17.42 15.15 8.81
N ILE B 49 16.69 15.82 9.69
CA ILE B 49 16.07 15.21 10.86
C ILE B 49 14.56 15.12 10.61
N ASP B 50 13.99 13.93 10.73
CA ASP B 50 12.57 13.77 10.51
C ASP B 50 12.04 12.75 11.50
N ARG B 51 10.86 13.02 12.07
CA ARG B 51 10.25 12.09 13.02
C ARG B 51 9.53 10.94 12.36
N ASP B 52 9.38 10.96 11.04
CA ASP B 52 8.64 9.91 10.36
C ASP B 52 9.59 8.80 9.94
N ALA B 53 9.01 7.67 9.55
CA ALA B 53 9.73 6.58 8.91
C ALA B 53 9.49 6.68 7.42
N PHE B 54 10.54 6.42 6.62
CA PHE B 54 10.48 6.66 5.19
C PHE B 54 10.48 5.36 4.39
N PRO B 55 9.52 5.18 3.50
CA PRO B 55 9.45 3.93 2.74
C PRO B 55 10.55 3.86 1.69
N ALA B 56 10.94 2.62 1.38
CA ALA B 56 11.92 2.38 0.33
C ALA B 56 11.33 2.47 -1.07
N GLY B 57 10.10 2.93 -1.19
CA GLY B 57 9.41 3.05 -2.46
C GLY B 57 8.39 4.16 -2.41
N PRO B 58 7.64 4.33 -3.51
CA PRO B 58 6.72 5.48 -3.63
C PRO B 58 5.38 5.23 -2.93
N ASP B 59 5.43 5.08 -1.61
CA ASP B 59 4.27 4.82 -0.78
C ASP B 59 3.90 6.05 0.04
N LEU B 60 2.64 6.06 0.46
CA LEU B 60 2.15 7.00 1.46
C LEU B 60 2.89 6.79 2.78
N ARG B 61 3.08 7.88 3.53
CA ARG B 61 3.65 7.83 4.88
C ARG B 61 2.91 8.81 5.76
N LYS B 62 2.95 8.57 7.08
CA LYS B 62 2.15 9.33 8.02
C LYS B 62 2.56 10.81 8.09
N GLY B 63 3.83 11.11 7.83
CA GLY B 63 4.32 12.48 7.92
C GLY B 63 3.90 13.40 6.80
N VAL B 64 3.34 12.84 5.72
CA VAL B 64 2.83 13.65 4.62
C VAL B 64 1.41 13.15 4.33
N PRO B 65 0.48 13.38 5.23
CA PRO B 65 -0.90 12.90 5.00
C PRO B 65 -1.54 13.50 3.77
N GLN B 66 -1.09 14.68 3.36
CA GLN B 66 -1.72 15.33 2.24
C GLN B 66 -1.48 14.60 0.92
N ALA B 67 -0.57 13.62 0.89
CA ALA B 67 -0.30 12.89 -0.33
C ALA B 67 -1.50 12.06 -0.80
N ARG B 68 -2.54 11.91 0.02
CA ARG B 68 -3.72 11.18 -0.42
C ARG B 68 -4.66 12.02 -1.26
N HIS B 69 -4.31 13.27 -1.51
CA HIS B 69 -5.16 14.20 -2.24
C HIS B 69 -4.43 14.70 -3.48
N ALA B 70 -5.22 15.14 -4.47
CA ALA B 70 -4.66 15.59 -5.74
C ALA B 70 -3.64 16.70 -5.52
N HIS B 71 -2.48 16.55 -6.15
CA HIS B 71 -1.42 17.55 -6.11
C HIS B 71 -1.08 17.95 -7.54
N ILE B 72 -1.21 19.23 -7.84
CA ILE B 72 -0.79 19.78 -9.13
C ILE B 72 0.59 20.41 -8.94
N LEU B 73 1.57 20.03 -9.76
CA LEU B 73 2.88 20.68 -9.74
C LEU B 73 2.93 21.62 -10.93
N TRP B 74 2.69 22.91 -10.68
CA TRP B 74 2.72 23.89 -11.75
C TRP B 74 4.14 24.03 -12.30
N SER B 75 4.22 24.33 -13.61
CA SER B 75 5.46 24.62 -14.33
C SER B 75 6.49 25.44 -13.53
N GLY B 76 6.07 26.54 -12.87
CA GLY B 76 7.03 27.37 -12.15
C GLY B 76 7.79 26.58 -11.10
N GLY B 77 7.08 25.74 -10.34
CA GLY B 77 7.76 24.87 -9.39
C GLY B 77 8.49 23.75 -10.09
N ALA B 78 7.91 23.19 -11.14
CA ALA B 78 8.56 22.07 -11.82
C ALA B 78 9.89 22.50 -12.44
N ARG B 79 9.96 23.71 -13.00
CA ARG B 79 11.24 24.15 -13.57
C ARG B 79 12.29 24.32 -12.47
N ILE B 80 11.89 24.78 -11.30
CA ILE B 80 12.85 24.97 -10.22
C ILE B 80 13.31 23.62 -9.68
N VAL B 81 12.38 22.69 -9.48
CA VAL B 81 12.76 21.33 -9.10
C VAL B 81 13.76 20.78 -10.10
N GLU B 82 13.52 21.01 -11.39
CA GLU B 82 14.44 20.53 -12.40
C GLU B 82 15.82 21.17 -12.25
N GLU B 83 15.85 22.48 -11.97
CA GLU B 83 17.14 23.17 -11.79
C GLU B 83 17.90 22.61 -10.59
N LEU B 84 17.19 22.31 -9.49
CA LEU B 84 17.88 21.81 -8.30
C LEU B 84 18.28 20.35 -8.43
N LEU B 85 17.47 19.56 -9.14
CA LEU B 85 17.64 18.11 -9.27
C LEU B 85 17.50 17.74 -10.73
N PRO B 86 18.51 18.00 -11.54
CA PRO B 86 18.41 17.71 -12.97
C PRO B 86 18.03 16.26 -13.24
N GLY B 87 17.13 16.07 -14.20
CA GLY B 87 16.64 14.76 -14.54
C GLY B 87 15.35 14.39 -13.85
N THR B 88 14.91 15.19 -12.87
CA THR B 88 13.72 14.80 -12.13
C THR B 88 12.48 14.81 -13.00
N THR B 89 12.31 15.81 -13.87
CA THR B 89 11.11 15.83 -14.69
C THR B 89 11.03 14.60 -15.59
N ASP B 90 12.12 14.28 -16.29
CA ASP B 90 12.09 13.12 -17.17
C ASP B 90 11.92 11.83 -16.37
N ARG B 91 12.54 11.76 -15.20
CA ARG B 91 12.35 10.57 -14.38
C ARG B 91 10.90 10.39 -14.00
N LEU B 92 10.22 11.47 -13.64
CA LEU B 92 8.80 11.39 -13.31
C LEU B 92 8.01 10.91 -14.52
N LEU B 93 8.23 11.54 -15.67
CA LEU B 93 7.53 11.12 -16.87
C LEU B 93 7.87 9.68 -17.19
N GLY B 94 9.14 9.32 -17.02
CA GLY B 94 9.58 7.94 -17.22
C GLY B 94 8.89 6.95 -16.32
N ALA B 95 8.36 7.40 -15.17
CA ALA B 95 7.64 6.56 -14.23
C ALA B 95 6.14 6.57 -14.45
N GLY B 96 5.63 7.30 -15.44
CA GLY B 96 4.21 7.35 -15.70
C GLY B 96 3.52 8.64 -15.29
N ALA B 97 4.26 9.62 -14.79
CA ALA B 97 3.68 10.95 -14.56
C ALA B 97 3.29 11.55 -15.89
N HIS B 98 2.33 12.47 -15.85
CA HIS B 98 1.81 13.10 -17.06
C HIS B 98 2.26 14.55 -17.08
N ARG B 99 2.72 15.00 -18.25
CA ARG B 99 2.94 16.42 -18.51
C ARG B 99 1.69 16.91 -19.22
N ILE B 100 0.95 17.82 -18.58
CA ILE B 100 -0.33 18.30 -19.12
C ILE B 100 -0.16 19.76 -19.48
N GLY B 101 -0.42 20.10 -20.74
CA GLY B 101 -0.30 21.49 -21.16
C GLY B 101 -1.43 22.34 -20.60
N ILE B 102 -1.11 23.60 -20.36
CA ILE B 102 -2.05 24.59 -19.86
C ILE B 102 -2.04 25.73 -20.87
N PRO B 103 -3.18 26.09 -21.49
CA PRO B 103 -4.52 25.52 -21.19
C PRO B 103 -4.94 24.41 -22.14
N ASP B 104 -4.05 24.00 -23.05
CA ASP B 104 -4.49 23.10 -24.11
C ASP B 104 -4.90 21.74 -23.56
N GLY B 105 -4.26 21.28 -22.49
CA GLY B 105 -4.56 20.00 -21.89
C GLY B 105 -5.54 20.06 -20.73
N GLN B 106 -6.24 21.15 -20.53
CA GLN B 106 -7.13 21.20 -19.38
C GLN B 106 -8.54 21.57 -19.81
N VAL B 107 -9.51 20.98 -19.13
CA VAL B 107 -10.92 21.26 -19.33
C VAL B 107 -11.42 21.91 -18.05
N SER B 108 -11.61 23.23 -18.06
CA SER B 108 -11.72 24.05 -16.85
C SER B 108 -12.95 24.95 -16.90
N TYR B 109 -13.92 24.71 -16.03
CA TYR B 109 -15.06 25.63 -15.87
C TYR B 109 -14.71 26.67 -14.79
N THR B 110 -14.19 27.81 -15.22
CA THR B 110 -13.77 28.84 -14.28
C THR B 110 -14.97 29.63 -13.76
N ALA B 111 -14.70 30.46 -12.76
CA ALA B 111 -15.67 31.45 -12.29
C ALA B 111 -16.24 32.28 -13.45
N TYR B 112 -15.53 32.37 -14.57
CA TYR B 112 -15.92 33.21 -15.69
C TYR B 112 -16.43 32.44 -16.89
N GLY B 113 -16.55 31.13 -16.79
CA GLY B 113 -16.95 30.28 -17.89
C GLY B 113 -15.87 29.29 -18.28
N TRP B 114 -16.20 28.50 -19.28
CA TRP B 114 -15.24 27.52 -19.78
C TRP B 114 -14.03 28.25 -20.35
N GLN B 115 -12.85 27.73 -20.01
CA GLN B 115 -11.62 28.20 -20.62
C GLN B 115 -11.53 27.63 -22.03
N HIS B 116 -11.41 28.49 -23.03
CA HIS B 116 -11.11 28.01 -24.37
C HIS B 116 -9.72 27.39 -24.38
N ARG B 117 -9.61 26.21 -24.97
CA ARG B 117 -8.35 25.46 -24.90
C ARG B 117 -7.41 25.95 -25.99
N PHE B 118 -6.77 27.11 -25.74
CA PHE B 118 -5.74 27.66 -26.60
C PHE B 118 -4.51 26.75 -26.62
N PRO B 119 -3.60 26.95 -27.57
CA PRO B 119 -2.34 26.20 -27.57
C PRO B 119 -1.56 26.41 -26.28
N GLU B 120 -0.65 25.47 -26.01
CA GLU B 120 0.10 25.47 -24.77
C GLU B 120 0.77 26.80 -24.49
N ALA B 121 0.60 27.28 -23.26
CA ALA B 121 1.37 28.39 -22.71
C ALA B 121 2.27 27.94 -21.59
N GLN B 122 1.73 27.16 -20.67
CA GLN B 122 2.52 26.60 -19.57
C GLN B 122 2.25 25.11 -19.47
N PHE B 123 2.65 24.49 -18.36
CA PHE B 123 2.37 23.07 -18.19
C PHE B 123 2.27 22.76 -16.71
N MET B 124 1.87 21.52 -16.41
CA MET B 124 1.93 21.01 -15.06
C MET B 124 2.34 19.54 -15.13
N ILE B 125 2.84 19.03 -14.02
CA ILE B 125 3.18 17.60 -13.90
C ILE B 125 2.16 16.96 -12.97
N ALA B 126 1.58 15.84 -13.42
CA ALA B 126 0.49 15.17 -12.73
C ALA B 126 0.89 13.75 -12.37
N CYS B 127 0.91 13.44 -11.08
CA CYS B 127 1.26 12.12 -10.56
C CYS B 127 0.87 12.08 -9.10
N SER B 128 0.86 10.88 -8.52
CA SER B 128 0.70 10.78 -7.08
C SER B 128 1.77 11.57 -6.34
N ARG B 129 1.37 12.23 -5.25
CA ARG B 129 2.35 12.91 -4.41
C ARG B 129 3.36 11.91 -3.82
N ALA B 130 2.94 10.67 -3.57
CA ALA B 130 3.88 9.67 -3.07
C ALA B 130 5.00 9.41 -4.07
N LEU B 131 4.67 9.29 -5.37
CA LEU B 131 5.70 9.10 -6.38
C LEU B 131 6.59 10.33 -6.51
N LEU B 132 6.00 11.53 -6.50
CA LEU B 132 6.77 12.76 -6.57
C LEU B 132 7.75 12.85 -5.40
N ASP B 133 7.26 12.64 -4.18
CA ASP B 133 8.15 12.68 -3.01
C ASP B 133 9.27 11.67 -3.11
N TRP B 134 8.93 10.44 -3.52
CA TRP B 134 9.94 9.40 -3.62
C TRP B 134 11.01 9.77 -4.65
N THR B 135 10.57 10.24 -5.84
CA THR B 135 11.51 10.59 -6.90
C THR B 135 12.45 11.71 -6.44
N VAL B 136 11.91 12.75 -5.80
CA VAL B 136 12.75 13.85 -5.33
C VAL B 136 13.73 13.38 -4.25
N ARG B 137 13.27 12.54 -3.33
CA ARG B 137 14.13 12.05 -2.25
C ARG B 137 15.25 11.19 -2.79
N GLU B 138 14.90 10.24 -3.66
CA GLU B 138 15.91 9.35 -4.25
C GLU B 138 16.98 10.15 -4.97
N GLU B 139 16.56 11.12 -5.79
CA GLU B 139 17.50 11.99 -6.50
C GLU B 139 18.37 12.75 -5.51
N THR B 140 17.77 13.35 -4.49
CA THR B 140 18.52 14.15 -3.52
C THR B 140 19.57 13.31 -2.80
N LEU B 141 19.18 12.13 -2.35
CA LEU B 141 20.02 11.32 -1.48
C LEU B 141 21.11 10.55 -2.22
N ARG B 142 21.17 10.68 -3.54
CA ARG B 142 22.34 10.20 -4.26
C ARG B 142 23.60 10.94 -3.81
N GLU B 143 23.44 12.16 -3.30
CA GLU B 143 24.54 12.90 -2.69
C GLU B 143 24.79 12.33 -1.28
N GLU B 144 25.89 11.58 -1.13
CA GLU B 144 26.17 10.92 0.13
C GLU B 144 26.49 11.91 1.24
N ARG B 145 26.77 13.17 0.91
CA ARG B 145 26.97 14.18 1.94
C ARG B 145 25.66 14.68 2.54
N ILE B 146 24.51 14.22 2.02
CA ILE B 146 23.22 14.43 2.64
C ILE B 146 22.80 13.13 3.29
N ALA B 147 22.46 13.17 4.58
CA ALA B 147 22.02 12.00 5.31
C ALA B 147 20.65 12.28 5.90
N LEU B 148 19.71 11.37 5.68
CA LEU B 148 18.39 11.48 6.26
C LEU B 148 18.34 10.64 7.54
N VAL B 149 18.02 11.28 8.65
CA VAL B 149 17.99 10.64 9.97
C VAL B 149 16.53 10.53 10.34
N GLU B 150 15.95 9.35 10.13
CA GLU B 150 14.53 9.11 10.32
C GLU B 150 14.21 8.78 11.77
N LYS B 151 12.91 8.76 12.08
CA LYS B 151 12.39 8.36 13.40
C LYS B 151 13.13 9.10 14.51
N THR B 152 13.30 10.40 14.33
CA THR B 152 14.08 11.21 15.25
C THR B 152 13.30 12.48 15.57
N GLU B 153 13.17 12.79 16.87
CA GLU B 153 12.45 13.98 17.31
C GLU B 153 13.41 15.15 17.41
N VAL B 154 12.87 16.34 17.17
CA VAL B 154 13.62 17.59 17.35
C VAL B 154 13.26 18.17 18.71
N LEU B 155 14.23 18.21 19.64
CA LEU B 155 13.95 18.67 20.99
C LEU B 155 14.13 20.18 21.15
N ALA B 156 15.21 20.74 20.61
CA ALA B 156 15.51 22.13 20.88
C ALA B 156 16.49 22.65 19.83
N LEU B 157 16.43 23.96 19.59
CA LEU B 157 17.52 24.64 18.90
C LEU B 157 18.66 24.88 19.87
N LEU B 158 19.88 24.65 19.40
CA LEU B 158 21.07 24.93 20.19
C LEU B 158 21.54 26.35 19.94
N GLY B 159 22.17 26.93 20.96
CA GLY B 159 22.64 28.30 20.88
C GLY B 159 21.73 29.25 21.63
N ASP B 160 21.44 30.41 21.05
CA ASP B 160 20.61 31.39 21.74
C ASP B 160 19.94 32.25 20.69
N ALA B 161 19.25 33.30 21.15
CA ALA B 161 18.53 34.19 20.25
C ALA B 161 19.45 34.90 19.28
N GLY B 162 20.74 35.01 19.59
CA GLY B 162 21.67 35.68 18.69
C GLY B 162 22.20 34.80 17.58
N ARG B 163 22.37 33.51 17.85
CA ARG B 163 22.91 32.60 16.84
C ARG B 163 22.52 31.16 17.19
N VAL B 164 21.92 30.46 16.23
CA VAL B 164 21.59 29.05 16.41
C VAL B 164 22.79 28.25 15.95
N THR B 165 23.12 27.21 16.70
CA THR B 165 24.34 26.44 16.45
C THR B 165 24.09 24.97 16.26
N GLY B 166 22.83 24.55 16.05
CA GLY B 166 22.51 23.15 15.85
C GLY B 166 21.18 22.82 16.50
N VAL B 167 20.94 21.53 16.70
CA VAL B 167 19.69 21.05 17.26
C VAL B 167 19.96 19.90 18.21
N ARG B 168 19.20 19.85 19.29
CA ARG B 168 19.16 18.68 20.17
C ARG B 168 18.04 17.77 19.69
N VAL B 169 18.36 16.49 19.47
CA VAL B 169 17.41 15.52 18.94
C VAL B 169 17.35 14.30 19.87
N ARG B 170 16.32 13.49 19.65
CA ARG B 170 16.10 12.25 20.38
C ARG B 170 15.81 11.11 19.40
N ASP B 171 16.57 10.03 19.52
CA ASP B 171 16.26 8.84 18.74
C ASP B 171 15.02 8.17 19.31
N GLN B 172 14.03 7.89 18.44
CA GLN B 172 12.79 7.31 18.95
C GLN B 172 13.02 5.90 19.48
N GLU B 173 13.82 5.11 18.79
CA GLU B 173 13.94 3.69 19.13
C GLU B 173 14.77 3.50 20.40
N SER B 174 15.89 4.21 20.51
CA SER B 174 16.74 4.09 21.68
C SER B 174 16.34 5.02 22.81
N GLY B 175 15.73 6.17 22.50
CA GLY B 175 15.47 7.17 23.50
C GLY B 175 16.65 8.06 23.82
N GLU B 176 17.78 7.85 23.17
CA GLU B 176 18.97 8.63 23.48
C GLU B 176 18.91 10.00 22.83
N GLU B 177 19.42 11.00 23.53
CA GLU B 177 19.47 12.36 23.01
C GLU B 177 20.90 12.71 22.62
N ARG B 178 21.03 13.55 21.59
CA ARG B 178 22.34 14.07 21.18
C ARG B 178 22.18 15.44 20.54
N GLU B 179 23.27 16.18 20.53
CA GLU B 179 23.35 17.47 19.86
C GLU B 179 23.94 17.28 18.48
N VAL B 180 23.28 17.82 17.46
CA VAL B 180 23.75 17.81 16.08
C VAL B 180 24.19 19.24 15.75
N PRO B 181 25.47 19.49 15.51
CA PRO B 181 25.92 20.86 15.27
C PRO B 181 25.51 21.33 13.90
N ALA B 182 25.37 22.65 13.77
CA ALA B 182 25.03 23.23 12.48
C ALA B 182 25.53 24.66 12.40
N ASP B 183 26.05 25.03 11.25
CA ASP B 183 26.27 26.45 10.93
C ASP B 183 24.99 27.10 10.43
N LEU B 184 24.09 26.29 9.90
CA LEU B 184 22.81 26.75 9.40
C LEU B 184 21.78 25.67 9.72
N VAL B 185 20.68 26.08 10.33
CA VAL B 185 19.52 25.23 10.57
C VAL B 185 18.39 25.75 9.70
N VAL B 186 17.77 24.89 8.91
CA VAL B 186 16.60 25.25 8.10
C VAL B 186 15.43 24.42 8.57
N ASP B 187 14.37 25.07 9.07
CA ASP B 187 13.16 24.36 9.46
C ASP B 187 12.28 24.17 8.22
N THR B 188 12.09 22.93 7.81
CA THR B 188 11.16 22.62 6.73
C THR B 188 10.19 21.55 7.20
N THR B 189 9.64 21.72 8.41
CA THR B 189 8.80 20.69 9.01
C THR B 189 7.34 20.83 8.66
N GLY B 190 7.01 21.71 7.69
CA GLY B 190 5.67 21.67 7.12
C GLY B 190 4.66 22.42 7.95
N ARG B 191 3.39 22.14 7.66
CA ARG B 191 2.31 22.90 8.27
C ARG B 191 2.29 22.74 9.79
N GLY B 192 2.67 21.57 10.29
CA GLY B 192 2.67 21.31 11.72
C GLY B 192 4.01 21.59 12.38
N SER B 193 4.74 22.56 11.84
CA SER B 193 6.10 22.83 12.29
C SER B 193 6.10 23.23 13.77
N PRO B 194 7.11 22.81 14.53
CA PRO B 194 7.17 23.20 15.95
C PRO B 194 7.98 24.46 16.21
N SER B 195 8.21 25.29 15.18
CA SER B 195 9.16 26.40 15.35
C SER B 195 8.62 27.48 16.28
N LYS B 196 7.30 27.65 16.36
CA LYS B 196 6.76 28.54 17.39
C LYS B 196 7.29 28.15 18.77
N ARG B 197 7.25 26.86 19.07
CA ARG B 197 7.79 26.36 20.34
C ARG B 197 9.30 26.50 20.38
N LEU B 198 9.98 26.07 19.32
CA LEU B 198 11.44 26.09 19.31
C LEU B 198 11.97 27.51 19.50
N LEU B 199 11.34 28.50 18.86
CA LEU B 199 11.84 29.86 18.97
C LEU B 199 11.42 30.52 20.27
N ALA B 200 10.25 30.16 20.79
CA ALA B 200 9.86 30.63 22.12
C ALA B 200 10.88 30.19 23.17
N GLU B 201 11.33 28.94 23.09
CA GLU B 201 12.30 28.45 24.06
C GLU B 201 13.66 29.11 23.90
N LEU B 202 13.94 29.70 22.73
CA LEU B 202 15.13 30.53 22.58
C LEU B 202 14.98 31.88 23.24
N GLY B 203 13.75 32.31 23.52
CA GLY B 203 13.50 33.65 23.99
C GLY B 203 13.20 34.61 22.88
N LEU B 204 12.80 34.13 21.73
CA LEU B 204 12.42 35.08 20.70
C LEU B 204 10.96 35.45 20.86
N PRO B 205 10.57 36.65 20.42
CA PRO B 205 9.15 37.02 20.48
C PRO B 205 8.34 36.23 19.46
N ALA B 206 7.04 36.16 19.70
CA ALA B 206 6.15 35.43 18.80
C ALA B 206 5.95 36.23 17.52
N PRO B 207 6.01 35.59 16.35
CA PRO B 207 5.80 36.30 15.10
C PRO B 207 4.34 36.63 14.87
N GLU B 208 4.11 37.65 14.06
CA GLU B 208 2.76 37.93 13.60
C GLU B 208 2.22 36.75 12.83
N GLU B 209 1.05 36.26 13.22
CA GLU B 209 0.35 35.19 12.52
C GLU B 209 -0.74 35.84 11.67
N GLU B 210 -0.79 35.48 10.39
CA GLU B 210 -1.82 35.95 9.48
C GLU B 210 -2.55 34.75 8.90
N PHE B 211 -3.89 34.78 8.87
CA PHE B 211 -4.59 33.67 8.24
C PHE B 211 -5.86 34.15 7.54
N VAL B 212 -6.25 33.38 6.52
CA VAL B 212 -7.54 33.50 5.84
C VAL B 212 -8.08 32.09 5.74
N ASP B 213 -9.17 31.82 6.48
CA ASP B 213 -9.72 30.48 6.70
C ASP B 213 -11.14 30.46 6.14
N SER B 214 -11.29 29.93 4.93
CA SER B 214 -12.59 29.75 4.30
C SER B 214 -13.35 28.52 4.81
N GLY B 215 -12.76 27.73 5.70
CA GLY B 215 -13.39 26.50 6.15
C GLY B 215 -13.41 25.40 5.11
N MET B 216 -12.50 25.45 4.16
CA MET B 216 -12.52 24.50 3.06
C MET B 216 -12.22 23.08 3.53
N VAL B 217 -12.98 22.12 3.02
CA VAL B 217 -12.75 20.70 3.29
C VAL B 217 -12.59 19.96 1.97
N TYR B 218 -11.58 19.11 1.91
CA TYR B 218 -11.30 18.27 0.75
C TYR B 218 -11.92 16.89 0.92
N ALA B 219 -12.20 16.24 -0.21
CA ALA B 219 -12.56 14.82 -0.24
C ALA B 219 -11.98 14.20 -1.50
N THR B 220 -11.37 13.03 -1.38
CA THR B 220 -10.68 12.42 -2.52
C THR B 220 -10.92 10.92 -2.61
N ARG B 221 -11.09 10.43 -3.85
CA ARG B 221 -11.05 9.02 -4.18
C ARG B 221 -10.13 8.77 -5.36
N LEU B 222 -9.51 7.59 -5.38
CA LEU B 222 -8.75 7.13 -6.52
C LEU B 222 -9.63 6.25 -7.43
N PHE B 223 -9.42 6.37 -8.73
CA PHE B 223 -10.20 5.62 -9.72
C PHE B 223 -9.26 4.98 -10.72
N ARG B 224 -9.67 3.84 -11.26
CA ARG B 224 -8.99 3.31 -12.43
C ARG B 224 -9.71 3.86 -13.65
N ALA B 225 -8.97 4.61 -14.48
CA ALA B 225 -9.56 5.20 -15.66
C ALA B 225 -9.90 4.12 -16.68
N PRO B 226 -10.82 4.41 -17.61
CA PRO B 226 -10.98 3.54 -18.78
C PRO B 226 -9.64 3.38 -19.47
N GLU B 227 -9.35 2.14 -19.91
CA GLU B 227 -7.99 1.78 -20.30
C GLU B 227 -7.44 2.68 -21.42
N ALA B 228 -8.26 2.98 -22.44
CA ALA B 228 -7.79 3.83 -23.51
C ALA B 228 -7.52 5.25 -23.04
N ALA B 229 -8.09 5.66 -21.91
CA ALA B 229 -7.90 6.99 -21.36
C ALA B 229 -6.80 7.04 -20.31
N ALA B 230 -5.99 5.99 -20.20
CA ALA B 230 -4.92 5.96 -19.21
C ALA B 230 -3.82 6.96 -19.50
N THR B 231 -3.72 7.44 -20.75
CA THR B 231 -2.74 8.43 -21.13
C THR B 231 -3.42 9.50 -21.96
N ASN B 232 -2.75 10.64 -22.10
CA ASN B 232 -3.24 11.75 -22.94
C ASN B 232 -4.63 12.20 -22.54
N PHE B 233 -4.97 12.08 -21.26
CA PHE B 233 -6.28 12.55 -20.83
C PHE B 233 -6.15 13.89 -20.12
N PRO B 234 -7.12 14.80 -20.27
CA PRO B 234 -6.94 16.16 -19.74
C PRO B 234 -7.08 16.24 -18.23
N LEU B 235 -6.45 17.28 -17.69
CA LEU B 235 -6.79 17.75 -16.36
C LEU B 235 -8.17 18.39 -16.41
N VAL B 236 -9.09 17.97 -15.54
CA VAL B 236 -10.47 18.45 -15.59
C VAL B 236 -10.82 19.13 -14.27
N SER B 237 -11.31 20.37 -14.36
CA SER B 237 -11.61 21.09 -13.14
C SER B 237 -12.88 21.91 -13.29
N VAL B 238 -13.68 21.93 -12.22
CA VAL B 238 -14.88 22.75 -12.10
C VAL B 238 -14.68 23.65 -10.90
N HIS B 239 -14.66 24.95 -11.13
CA HIS B 239 -14.26 25.93 -10.13
C HIS B 239 -15.45 26.60 -9.47
N ALA B 240 -15.25 27.03 -8.24
CA ALA B 240 -16.23 27.89 -7.61
C ALA B 240 -16.26 29.26 -8.28
N ASP B 241 -17.38 29.96 -8.14
CA ASP B 241 -17.47 31.36 -8.55
C ASP B 241 -17.25 32.18 -7.29
N HIS B 242 -16.02 32.66 -7.10
CA HIS B 242 -15.63 33.38 -5.89
C HIS B 242 -16.41 34.67 -5.70
N ARG B 243 -17.11 35.15 -6.73
CA ARG B 243 -17.91 36.37 -6.62
C ARG B 243 -19.35 36.11 -6.23
N ALA B 244 -19.78 34.84 -6.21
CA ALA B 244 -21.14 34.48 -5.85
C ALA B 244 -21.26 34.31 -4.33
N GLY B 245 -22.27 34.96 -3.74
CA GLY B 245 -22.48 34.85 -2.31
C GLY B 245 -22.99 33.49 -1.88
N ARG B 246 -22.22 32.45 -2.15
CA ARG B 246 -22.55 31.09 -1.77
C ARG B 246 -21.25 30.38 -1.45
N PRO B 247 -21.31 29.29 -0.69
CA PRO B 247 -20.09 28.51 -0.43
C PRO B 247 -19.37 28.15 -1.72
N GLY B 248 -18.04 28.18 -1.68
CA GLY B 248 -17.22 27.84 -2.83
C GLY B 248 -16.93 26.36 -2.92
N CYS B 249 -17.37 25.72 -4.01
CA CYS B 249 -17.21 24.29 -4.20
C CYS B 249 -16.47 24.01 -5.49
N ASN B 250 -15.56 23.04 -5.45
CA ASN B 250 -14.74 22.70 -6.61
C ASN B 250 -14.67 21.18 -6.77
N ALA B 251 -14.33 20.74 -7.99
CA ALA B 251 -14.10 19.33 -8.32
C ALA B 251 -12.96 19.23 -9.33
N VAL B 252 -11.97 18.39 -9.03
CA VAL B 252 -10.79 18.25 -9.86
C VAL B 252 -10.56 16.79 -10.15
N LEU B 253 -10.35 16.46 -11.42
CA LEU B 253 -9.98 15.12 -11.85
C LEU B 253 -8.61 15.22 -12.49
N MET B 254 -7.64 14.47 -11.96
CA MET B 254 -6.27 14.57 -12.45
C MET B 254 -5.71 13.18 -12.73
N PRO B 255 -5.20 12.97 -13.94
CA PRO B 255 -4.49 11.71 -14.21
C PRO B 255 -3.24 11.55 -13.36
N ILE B 256 -3.00 10.31 -12.93
CA ILE B 256 -1.72 9.98 -12.32
C ILE B 256 -1.17 8.72 -12.97
N GLU B 257 -0.10 8.18 -12.41
CA GLU B 257 0.58 7.04 -13.01
C GLU B 257 -0.24 5.76 -12.79
N ASP B 258 0.12 4.73 -13.56
CA ASP B 258 -0.49 3.41 -13.46
C ASP B 258 -1.94 3.44 -13.90
N GLY B 259 -2.26 4.33 -14.84
CA GLY B 259 -3.60 4.34 -15.40
C GLY B 259 -4.70 4.74 -14.45
N ARG B 260 -4.38 5.52 -13.43
CA ARG B 260 -5.36 5.93 -12.43
C ARG B 260 -5.71 7.41 -12.60
N TRP B 261 -6.84 7.79 -12.00
CA TRP B 261 -7.30 9.16 -11.83
C TRP B 261 -7.46 9.44 -10.36
N ILE B 262 -6.93 10.57 -9.90
CA ILE B 262 -7.22 11.07 -8.56
C ILE B 262 -8.27 12.16 -8.71
N VAL B 263 -9.34 12.05 -7.93
CA VAL B 263 -10.46 12.96 -8.02
C VAL B 263 -10.67 13.60 -6.66
N THR B 264 -10.48 14.91 -6.58
CA THR B 264 -10.57 15.66 -5.35
C THR B 264 -11.66 16.72 -5.47
N VAL B 265 -12.65 16.66 -4.57
CA VAL B 265 -13.73 17.63 -4.52
C VAL B 265 -13.62 18.40 -3.23
N SER B 266 -14.13 19.64 -3.22
CA SER B 266 -13.88 20.53 -2.10
C SER B 266 -15.02 21.52 -1.97
N GLY B 267 -15.14 22.07 -0.77
CA GLY B 267 -16.19 23.02 -0.45
C GLY B 267 -15.88 23.84 0.78
N THR B 268 -16.18 25.14 0.73
CA THR B 268 -15.99 26.00 1.89
C THR B 268 -17.16 25.81 2.86
N ARG B 269 -17.12 26.61 3.94
CA ARG B 269 -18.16 26.60 4.97
C ARG B 269 -19.55 26.65 4.35
N GLY B 270 -20.36 25.63 4.66
CA GLY B 270 -21.70 25.52 4.12
C GLY B 270 -21.82 24.66 2.87
N GLY B 271 -20.70 24.21 2.31
CA GLY B 271 -20.73 23.36 1.12
C GLY B 271 -19.71 22.25 1.15
N GLU B 272 -19.38 21.76 2.35
CA GLU B 272 -18.34 20.75 2.48
C GLU B 272 -18.77 19.42 1.86
N PRO B 273 -17.88 18.73 1.15
CA PRO B 273 -18.23 17.41 0.61
C PRO B 273 -18.35 16.38 1.74
N PRO B 274 -19.15 15.35 1.55
CA PRO B 274 -19.37 14.36 2.62
C PRO B 274 -18.24 13.33 2.65
N ALA B 275 -18.30 12.48 3.67
CA ALA B 275 -17.28 11.47 3.87
C ALA B 275 -17.61 10.12 3.23
N ASP B 276 -18.86 9.92 2.80
CA ASP B 276 -19.29 8.61 2.34
C ASP B 276 -19.07 8.46 0.85
N ASP B 277 -18.77 7.22 0.43
CA ASP B 277 -18.44 6.98 -0.97
C ASP B 277 -19.61 7.31 -1.89
N GLU B 278 -20.85 7.07 -1.44
CA GLU B 278 -22.01 7.38 -2.27
C GLU B 278 -22.19 8.88 -2.43
N GLY B 279 -22.08 9.64 -1.34
CA GLY B 279 -22.22 11.09 -1.40
C GLY B 279 -21.11 11.78 -2.18
N PHE B 280 -19.97 11.11 -2.39
CA PHE B 280 -18.87 11.69 -3.14
C PHE B 280 -19.29 11.95 -4.59
N ALA B 281 -19.78 10.92 -5.28
CA ALA B 281 -20.15 11.06 -6.67
C ALA B 281 -21.31 12.05 -6.84
N ARG B 282 -22.23 12.08 -5.86
CA ARG B 282 -23.34 13.03 -5.95
C ARG B 282 -22.84 14.47 -5.85
N PHE B 283 -21.83 14.71 -5.01
CA PHE B 283 -21.25 16.04 -4.89
C PHE B 283 -20.54 16.47 -6.16
N ALA B 284 -19.78 15.56 -6.78
CA ALA B 284 -19.08 15.87 -8.03
C ALA B 284 -20.04 16.14 -9.17
N ARG B 285 -21.26 15.61 -9.09
CA ARG B 285 -22.30 15.93 -10.06
C ARG B 285 -23.06 17.19 -9.68
N ASP B 286 -23.59 17.25 -8.45
CA ASP B 286 -24.57 18.27 -8.06
C ASP B 286 -24.04 19.33 -7.11
N GLY B 287 -22.95 19.08 -6.39
CA GLY B 287 -22.41 20.04 -5.44
C GLY B 287 -21.65 21.19 -6.07
N VAL B 288 -21.22 21.05 -7.32
CA VAL B 288 -20.43 22.05 -8.01
C VAL B 288 -21.26 22.66 -9.13
N ARG B 289 -20.72 23.71 -9.74
CA ARG B 289 -21.44 24.52 -10.73
C ARG B 289 -21.65 23.81 -12.06
N HIS B 290 -20.93 22.70 -12.32
CA HIS B 290 -21.12 21.91 -13.53
C HIS B 290 -20.80 20.46 -13.21
N PRO B 291 -21.57 19.50 -13.72
CA PRO B 291 -21.39 18.10 -13.28
C PRO B 291 -20.34 17.29 -14.04
N LEU B 292 -19.47 17.93 -14.82
CA LEU B 292 -18.58 17.17 -15.69
C LEU B 292 -17.73 16.14 -14.93
N VAL B 293 -17.13 16.52 -13.79
CA VAL B 293 -16.30 15.57 -13.08
C VAL B 293 -17.13 14.37 -12.61
N GLY B 294 -18.35 14.63 -12.14
CA GLY B 294 -19.25 13.54 -11.79
C GLY B 294 -19.57 12.64 -12.97
N GLU B 295 -19.72 13.22 -14.17
CA GLU B 295 -20.01 12.38 -15.33
C GLU B 295 -18.84 11.45 -15.66
N LEU B 296 -17.60 11.94 -15.53
CA LEU B 296 -16.44 11.15 -15.95
C LEU B 296 -16.13 10.04 -14.96
N ILE B 297 -16.31 10.28 -13.66
CA ILE B 297 -16.01 9.22 -12.70
C ILE B 297 -16.99 8.07 -12.86
N ALA B 298 -18.19 8.33 -13.39
CA ALA B 298 -19.17 7.28 -13.69
C ALA B 298 -18.59 6.34 -14.74
C ELY B 299 -15.78 4.87 -15.97
N ELY B 299 -17.47 6.60 -15.59
O ELY B 299 -15.02 4.23 -16.75
CA ELY B 299 -16.82 5.79 -16.65
CB ELY B 299 -16.18 6.74 -17.67
CD ELY B 299 -18.45 6.96 -18.91
CE ELY B 299 -19.44 7.93 -19.56
CG ELY B 299 -17.19 7.63 -18.41
NZ ELY B 299 -20.42 7.29 -20.46
CH1 ELY B 299 -19.68 6.69 -21.62
CH2 ELY B 299 -21.26 8.37 -21.03
CT1 ELY B 299 -18.72 7.62 -22.28
CT2 ELY B 299 -22.38 7.87 -21.91
N ALA B 300 -15.39 5.31 -14.67
CA ALA B 300 -14.17 4.71 -14.12
C ALA B 300 -14.51 3.78 -12.97
N GLN B 301 -13.53 2.99 -12.53
CA GLN B 301 -13.71 2.09 -11.40
C GLN B 301 -13.03 2.69 -10.17
N PRO B 302 -13.75 2.96 -9.10
CA PRO B 302 -13.11 3.46 -7.88
C PRO B 302 -12.22 2.39 -7.26
N LEU B 303 -11.10 2.83 -6.71
CA LEU B 303 -10.11 1.93 -6.13
C LEU B 303 -9.89 2.13 -4.64
N THR B 304 -10.19 3.31 -4.11
CA THR B 304 -9.99 3.62 -2.71
C THR B 304 -11.23 4.32 -2.17
N SER B 305 -11.40 4.24 -0.85
CA SER B 305 -12.45 4.89 -0.10
C SER B 305 -12.16 6.39 0.03
N VAL B 306 -13.19 7.15 0.41
CA VAL B 306 -13.08 8.60 0.51
C VAL B 306 -12.11 8.99 1.61
N GLU B 307 -11.19 9.90 1.30
CA GLU B 307 -10.32 10.52 2.29
C GLU B 307 -10.60 12.02 2.34
N ARG B 308 -10.69 12.56 3.54
CA ARG B 308 -10.97 13.98 3.76
C ARG B 308 -9.75 14.69 4.32
N SER B 309 -9.73 16.02 4.16
CA SER B 309 -8.71 16.84 4.79
C SER B 309 -9.27 18.23 5.03
N ARG B 310 -8.88 18.83 6.16
CA ARG B 310 -9.21 20.20 6.51
C ARG B 310 -8.00 21.11 6.52
N SER B 311 -6.85 20.64 6.05
CA SER B 311 -5.61 21.42 6.06
C SER B 311 -5.62 22.35 4.85
N THR B 312 -6.51 23.35 4.93
CA THR B 312 -6.79 24.25 3.82
C THR B 312 -6.68 25.72 4.19
N VAL B 313 -6.28 26.07 5.40
CA VAL B 313 -6.21 27.47 5.79
C VAL B 313 -4.98 28.11 5.17
N ASN B 314 -5.15 29.31 4.63
CA ASN B 314 -4.03 30.17 4.30
C ASN B 314 -3.45 30.71 5.59
N ARG B 315 -2.26 30.26 5.97
CA ARG B 315 -1.67 30.72 7.22
C ARG B 315 -0.22 31.09 6.98
N ARG B 316 0.18 32.26 7.51
CA ARG B 316 1.51 32.80 7.28
C ARG B 316 2.08 33.32 8.60
N LEU B 317 3.37 33.05 8.84
CA LEU B 317 4.07 33.52 10.03
C LEU B 317 5.17 34.49 9.59
N HIS B 318 5.09 35.75 10.06
CA HIS B 318 6.00 36.78 9.59
C HIS B 318 7.29 36.78 10.42
N TYR B 319 8.02 35.68 10.29
CA TYR B 319 9.32 35.59 10.96
C TYR B 319 10.27 36.67 10.47
N ASP B 320 10.18 37.05 9.19
CA ASP B 320 11.09 38.04 8.63
C ASP B 320 10.91 39.42 9.24
N ARG B 321 9.82 39.66 9.94
CA ARG B 321 9.56 40.95 10.56
C ARG B 321 9.81 40.95 12.06
N LEU B 322 10.35 39.85 12.60
CA LEU B 322 10.65 39.79 14.03
C LEU B 322 11.70 40.83 14.39
N ALA B 323 11.56 41.40 15.59
CA ALA B 323 12.48 42.44 16.02
C ALA B 323 13.91 41.93 16.08
N THR B 324 14.09 40.67 16.49
CA THR B 324 15.40 40.04 16.50
C THR B 324 15.30 38.69 15.81
N TRP B 325 16.38 38.29 15.17
CA TRP B 325 16.39 37.03 14.44
C TRP B 325 17.76 36.40 14.65
N PRO B 326 17.82 35.09 14.88
CA PRO B 326 19.11 34.45 15.17
C PRO B 326 19.91 34.24 13.89
N GLU B 327 21.21 34.48 13.98
CA GLU B 327 22.09 34.02 12.91
C GLU B 327 21.94 32.51 12.77
N GLY B 328 21.99 32.03 11.54
CA GLY B 328 22.01 30.60 11.29
C GLY B 328 20.69 29.86 11.37
N LEU B 329 19.55 30.57 11.31
CA LEU B 329 18.24 29.92 11.33
C LEU B 329 17.37 30.45 10.20
N VAL B 330 16.76 29.56 9.44
CA VAL B 330 15.88 29.90 8.33
C VAL B 330 14.67 28.98 8.39
N VAL B 331 13.50 29.50 8.08
CA VAL B 331 12.27 28.71 8.04
C VAL B 331 11.67 28.84 6.65
N LEU B 332 11.38 27.72 6.01
CA LEU B 332 10.77 27.82 4.69
C LEU B 332 9.88 26.61 4.43
N GLY B 333 9.09 26.72 3.36
CA GLY B 333 8.06 25.74 3.09
C GLY B 333 6.79 26.06 3.84
N ASP B 334 5.92 25.04 4.00
CA ASP B 334 4.67 25.24 4.75
C ASP B 334 4.92 25.75 6.17
N ALA B 335 6.14 25.56 6.70
CA ALA B 335 6.46 26.01 8.05
C ALA B 335 6.42 27.54 8.18
N VAL B 336 6.59 28.27 7.09
CA VAL B 336 6.54 29.72 7.12
C VAL B 336 5.26 30.25 6.48
N ALA B 337 4.81 29.65 5.37
CA ALA B 337 3.60 30.08 4.67
C ALA B 337 2.91 28.86 4.08
N ALA B 338 1.64 28.65 4.42
CA ALA B 338 0.86 27.55 3.89
C ALA B 338 -0.42 28.10 3.28
N PHE B 339 -0.91 27.42 2.24
CA PHE B 339 -1.98 27.95 1.41
C PHE B 339 -3.15 26.99 1.31
N ASN B 340 -4.29 27.55 0.90
CA ASN B 340 -5.43 26.72 0.50
C ASN B 340 -5.01 25.91 -0.72
N PRO B 341 -5.04 24.58 -0.64
CA PRO B 341 -4.50 23.75 -1.74
C PRO B 341 -5.29 23.82 -3.03
N VAL B 342 -6.53 24.32 -3.01
CA VAL B 342 -7.31 24.35 -4.25
C VAL B 342 -6.60 25.16 -5.34
N TYR B 343 -5.70 26.07 -4.96
CA TYR B 343 -4.98 26.84 -5.96
C TYR B 343 -3.70 26.16 -6.43
N GLY B 344 -3.22 25.18 -5.68
CA GLY B 344 -2.18 24.28 -6.12
C GLY B 344 -0.79 24.84 -6.12
N HIS B 345 -0.45 25.75 -5.20
CA HIS B 345 0.83 26.44 -5.26
C HIS B 345 1.87 25.98 -4.26
N GLY B 346 1.51 25.18 -3.25
CA GLY B 346 2.40 24.98 -2.11
C GLY B 346 3.80 24.48 -2.48
N MET B 347 3.88 23.46 -3.34
CA MET B 347 5.18 22.92 -3.69
C MET B 347 6.01 23.91 -4.53
N SER B 348 5.33 24.70 -5.36
CA SER B 348 6.06 25.68 -6.16
C SER B 348 6.53 26.85 -5.31
N ALA B 349 5.74 27.25 -4.32
CA ALA B 349 6.18 28.28 -3.38
C ALA B 349 7.40 27.83 -2.58
N ALA B 350 7.41 26.57 -2.17
CA ALA B 350 8.56 26.05 -1.45
C ALA B 350 9.82 26.08 -2.34
N ALA B 351 9.67 25.70 -3.60
CA ALA B 351 10.78 25.70 -4.53
C ALA B 351 11.33 27.11 -4.73
N HIS B 352 10.43 28.08 -4.95
CA HIS B 352 10.85 29.48 -5.08
C HIS B 352 11.59 29.93 -3.82
N SER B 353 11.17 29.42 -2.66
CA SER B 353 11.80 29.81 -1.41
C SER B 353 13.17 29.17 -1.24
N VAL B 354 13.36 27.97 -1.79
CA VAL B 354 14.69 27.38 -1.81
C VAL B 354 15.62 28.19 -2.69
N LEU B 355 15.13 28.65 -3.83
CA LEU B 355 15.98 29.51 -4.67
C LEU B 355 16.26 30.84 -4.00
N ALA B 356 15.35 31.35 -3.17
CA ALA B 356 15.62 32.59 -2.47
C ALA B 356 16.78 32.42 -1.50
N LEU B 357 16.76 31.33 -0.74
CA LEU B 357 17.89 31.04 0.14
C LEU B 357 19.18 30.86 -0.66
N ARG B 358 19.12 30.13 -1.77
CA ARG B 358 20.33 29.92 -2.57
C ARG B 358 20.88 31.25 -3.04
N SER B 359 20.01 32.15 -3.48
CA SER B 359 20.42 33.46 -3.94
C SER B 359 21.19 34.20 -2.87
N GLN B 360 20.64 34.24 -1.65
CA GLN B 360 21.32 34.94 -0.56
C GLN B 360 22.62 34.25 -0.18
N LEU B 361 22.70 32.93 -0.32
CA LEU B 361 23.96 32.23 -0.07
C LEU B 361 25.03 32.66 -1.06
N GLY B 362 24.65 32.85 -2.32
CA GLY B 362 25.62 33.27 -3.32
C GLY B 362 26.09 34.70 -3.11
N GLN B 363 25.24 35.55 -2.53
CA GLN B 363 25.59 36.95 -2.33
C GLN B 363 26.33 37.17 -1.00
N ARG B 364 25.91 36.49 0.06
CA ARG B 364 26.38 36.80 1.40
C ARG B 364 27.20 35.68 2.02
N ALA B 365 27.36 34.56 1.33
CA ALA B 365 28.00 33.35 1.89
C ALA B 365 27.40 33.12 3.27
N PHE B 366 28.20 32.95 4.31
CA PHE B 366 27.67 32.69 5.65
C PHE B 366 27.99 33.84 6.60
N GLN B 367 28.14 35.06 6.07
CA GLN B 367 28.41 36.21 6.92
C GLN B 367 27.21 36.46 7.83
N PRO B 368 27.43 37.22 8.91
CA PRO B 368 26.28 37.65 9.71
C PRO B 368 25.38 38.52 8.86
N GLY B 369 24.09 38.22 8.92
CA GLY B 369 23.10 38.81 8.06
C GLY B 369 22.48 37.82 7.09
N LEU B 370 23.12 36.66 6.89
CA LEU B 370 22.64 35.67 5.94
C LEU B 370 21.22 35.23 6.27
N ALA B 371 21.02 34.73 7.50
CA ALA B 371 19.74 34.14 7.86
C ALA B 371 18.60 35.15 7.74
N ARG B 372 18.81 36.37 8.24
CA ARG B 372 17.79 37.43 8.15
C ARG B 372 17.47 37.75 6.70
N ALA B 373 18.52 37.94 5.88
CA ALA B 373 18.31 38.26 4.48
C ALA B 373 17.56 37.14 3.77
N ALA B 374 17.88 35.87 4.10
CA ALA B 374 17.14 34.77 3.50
C ALA B 374 15.67 34.76 3.94
N GLN B 375 15.42 34.95 5.25
CA GLN B 375 14.04 34.99 5.72
C GLN B 375 13.27 36.11 5.04
N ARG B 376 13.91 37.27 4.88
CA ARG B 376 13.33 38.37 4.13
C ARG B 376 13.03 37.94 2.69
N ALA B 377 14.01 37.33 2.03
CA ALA B 377 13.83 36.93 0.63
C ALA B 377 12.76 35.85 0.48
N ILE B 378 12.62 35.00 1.49
CA ILE B 378 11.62 33.94 1.46
C ILE B 378 10.21 34.51 1.57
N ALA B 379 10.06 35.57 2.35
CA ALA B 379 8.77 36.27 2.42
C ALA B 379 8.37 36.81 1.05
N VAL B 380 9.32 37.40 0.33
CA VAL B 380 9.02 37.85 -1.03
C VAL B 380 8.66 36.66 -1.93
N ALA B 381 9.43 35.57 -1.82
CA ALA B 381 9.27 34.42 -2.71
C ALA B 381 7.86 33.82 -2.65
N VAL B 382 7.26 33.78 -1.46
CA VAL B 382 5.94 33.16 -1.28
C VAL B 382 4.80 34.15 -1.49
N ASP B 383 5.10 35.43 -1.70
CA ASP B 383 4.06 36.44 -1.62
C ASP B 383 3.05 36.31 -2.75
N ASP B 384 3.49 35.92 -3.96
CA ASP B 384 2.52 35.82 -5.06
C ASP B 384 1.51 34.71 -4.81
N ALA B 385 2.00 33.52 -4.45
CA ALA B 385 1.10 32.43 -4.08
C ALA B 385 0.17 32.85 -2.95
N TRP B 386 0.69 33.62 -2.00
CA TRP B 386 -0.11 34.07 -0.87
C TRP B 386 -1.25 34.97 -1.32
N VAL B 387 -0.94 35.96 -2.16
CA VAL B 387 -1.95 36.89 -2.64
C VAL B 387 -2.98 36.15 -3.50
N LEU B 388 -2.53 35.24 -4.36
CA LEU B 388 -3.45 34.56 -5.27
C LEU B 388 -4.50 33.77 -4.51
N ALA B 389 -4.10 33.12 -3.42
CA ALA B 389 -5.01 32.30 -2.66
C ALA B 389 -5.94 33.15 -1.79
N THR B 390 -5.36 34.07 -1.02
CA THR B 390 -6.14 34.83 -0.04
C THR B 390 -7.08 35.82 -0.71
N SER B 391 -6.63 36.44 -1.81
CA SER B 391 -7.49 37.35 -2.57
C SER B 391 -8.79 36.67 -2.98
N HIS B 392 -8.74 35.37 -3.25
CA HIS B 392 -9.93 34.64 -3.69
C HIS B 392 -10.65 33.90 -2.58
N ASP B 393 -10.04 33.73 -1.40
CA ASP B 393 -10.74 33.05 -0.31
C ASP B 393 -11.49 34.04 0.58
N ILE B 394 -11.03 35.29 0.68
CA ILE B 394 -11.55 36.20 1.70
C ILE B 394 -13.03 36.49 1.51
N GLY B 395 -13.54 36.37 0.29
CA GLY B 395 -14.91 36.74 0.00
C GLY B 395 -15.97 35.73 0.33
N TYR B 396 -15.60 34.50 0.68
CA TYR B 396 -16.59 33.45 0.85
C TYR B 396 -17.38 33.66 2.14
N PRO B 397 -18.64 33.23 2.18
CA PRO B 397 -19.45 33.41 3.39
C PRO B 397 -18.79 32.77 4.61
N GLY B 398 -18.73 33.54 5.69
CA GLY B 398 -18.23 33.00 6.94
C GLY B 398 -16.73 32.84 7.01
N CYS B 399 -16.00 33.35 6.03
CA CYS B 399 -14.54 33.29 6.09
C CYS B 399 -14.02 33.97 7.36
N ARG B 400 -13.07 33.30 8.02
CA ARG B 400 -12.42 33.81 9.23
C ARG B 400 -11.04 34.34 8.87
N THR B 401 -10.74 35.57 9.31
CA THR B 401 -9.49 36.23 8.92
C THR B 401 -8.81 36.86 10.13
N GLN B 402 -7.48 36.91 10.03
CA GLN B 402 -6.62 37.64 10.96
C GLN B 402 -5.49 38.18 10.09
N THR B 403 -5.54 39.47 9.79
CA THR B 403 -4.56 40.08 8.90
C THR B 403 -4.50 41.56 9.20
N ARG B 404 -3.37 42.19 8.85
CA ARG B 404 -3.30 43.64 8.80
C ARG B 404 -2.80 44.11 7.44
N ASP B 405 -2.88 43.25 6.42
CA ASP B 405 -2.39 43.54 5.08
C ASP B 405 -3.39 44.38 4.29
N PRO B 406 -3.04 45.64 3.95
CA PRO B 406 -4.01 46.50 3.24
C PRO B 406 -4.43 45.95 1.90
N ARG B 407 -3.66 45.04 1.29
CA ARG B 407 -4.15 44.42 0.06
C ARG B 407 -5.40 43.60 0.34
N LEU B 408 -5.59 43.13 1.57
CA LEU B 408 -6.78 42.39 1.97
C LEU B 408 -7.82 43.21 2.73
N THR B 409 -7.42 44.32 3.35
CA THR B 409 -8.33 45.06 4.21
C THR B 409 -8.78 46.38 3.64
N ARG B 410 -8.10 46.89 2.62
CA ARG B 410 -8.44 48.17 2.02
C ARG B 410 -8.71 48.08 0.53
N HIS B 411 -7.93 47.26 -0.20
CA HIS B 411 -7.99 47.18 -1.66
C HIS B 411 -8.42 45.80 -2.16
N ALA B 412 -9.15 45.04 -1.36
CA ALA B 412 -9.68 43.77 -1.85
C ALA B 412 -10.65 43.98 -3.01
N GLY B 413 -11.48 45.02 -2.95
CA GLY B 413 -12.42 45.26 -4.02
C GLY B 413 -11.77 45.66 -5.33
N GLU B 414 -10.86 46.66 -5.26
CA GLU B 414 -10.22 47.16 -6.47
C GLU B 414 -9.29 46.14 -7.09
N ARG B 415 -8.56 45.39 -6.25
CA ARG B 415 -7.70 44.33 -6.75
C ARG B 415 -8.51 43.22 -7.41
N GLN B 416 -9.70 42.94 -6.90
CA GLN B 416 -10.55 41.90 -7.47
C GLN B 416 -11.22 42.36 -8.76
N ARG B 417 -11.56 43.65 -8.86
CA ARG B 417 -12.07 44.17 -10.14
C ARG B 417 -11.04 44.01 -11.24
N VAL B 418 -9.77 44.26 -10.94
CA VAL B 418 -8.70 44.03 -11.90
C VAL B 418 -8.53 42.53 -12.15
N THR B 419 -8.56 41.74 -11.08
CA THR B 419 -8.40 40.29 -11.21
C THR B 419 -9.50 39.68 -12.07
N ASP B 420 -10.75 40.09 -11.87
CA ASP B 420 -11.87 39.49 -12.58
C ASP B 420 -11.89 39.85 -14.07
N LEU B 421 -11.47 41.07 -14.41
CA LEU B 421 -11.36 41.43 -15.83
C LEU B 421 -10.26 40.64 -16.51
N VAL B 422 -9.12 40.46 -15.83
CA VAL B 422 -8.08 39.56 -16.33
C VAL B 422 -8.62 38.14 -16.46
N GLY B 423 -9.29 37.66 -15.40
CA GLY B 423 -9.77 36.29 -15.40
C GLY B 423 -10.83 36.04 -16.47
N LEU B 424 -11.74 36.99 -16.63
CA LEU B 424 -12.78 36.88 -17.65
C LEU B 424 -12.19 36.87 -19.05
N THR B 425 -11.29 37.79 -19.35
CA THR B 425 -10.78 37.86 -20.72
C THR B 425 -9.85 36.69 -21.02
N ALA B 426 -9.17 36.17 -19.99
CA ALA B 426 -8.26 35.04 -20.19
C ALA B 426 -8.99 33.83 -20.77
N THR B 427 -10.27 33.66 -20.45
CA THR B 427 -11.00 32.51 -20.99
C THR B 427 -11.11 32.53 -22.51
N ARG B 428 -11.02 33.72 -23.14
CA ARG B 428 -11.33 33.85 -24.55
C ARG B 428 -10.30 34.67 -25.35
N ASN B 429 -9.12 34.91 -24.80
CA ASN B 429 -8.09 35.71 -25.45
C ASN B 429 -6.75 35.04 -25.18
N GLN B 430 -6.02 34.68 -26.24
CA GLN B 430 -4.83 33.85 -26.06
C GLN B 430 -3.72 34.61 -25.35
N VAL B 431 -3.53 35.90 -25.65
CA VAL B 431 -2.42 36.63 -25.08
C VAL B 431 -2.67 36.92 -23.60
N VAL B 432 -3.92 37.20 -23.21
CA VAL B 432 -4.23 37.37 -21.80
C VAL B 432 -4.09 36.05 -21.05
N ASN B 433 -4.60 34.95 -21.63
CA ASN B 433 -4.44 33.65 -21.00
C ASN B 433 -2.97 33.34 -20.75
N ARG B 434 -2.13 33.55 -21.78
CA ARG B 434 -0.71 33.28 -21.65
C ARG B 434 -0.11 34.03 -20.46
N ALA B 435 -0.47 35.30 -20.29
CA ALA B 435 0.02 36.07 -19.15
C ALA B 435 -0.59 35.56 -17.84
N ALA B 436 -1.89 35.28 -17.84
CA ALA B 436 -2.54 34.81 -16.62
C ALA B 436 -1.93 33.50 -16.13
N VAL B 437 -1.70 32.57 -17.05
CA VAL B 437 -1.20 31.26 -16.66
C VAL B 437 0.28 31.33 -16.30
N ALA B 438 1.03 32.25 -16.91
CA ALA B 438 2.39 32.45 -16.46
C ALA B 438 2.40 32.85 -14.99
N LEU B 439 1.52 33.78 -14.61
CA LEU B 439 1.43 34.16 -13.20
C LEU B 439 0.91 33.01 -12.35
N ASN B 440 -0.13 32.32 -12.81
CA ASN B 440 -0.78 31.34 -11.94
C ASN B 440 0.07 30.09 -11.73
N THR B 441 0.94 29.75 -12.68
CA THR B 441 1.89 28.67 -12.47
C THR B 441 3.13 29.13 -11.73
N LEU B 442 3.14 30.40 -11.30
CA LEU B 442 4.31 30.98 -10.64
C LEU B 442 5.52 30.92 -11.55
N SER B 443 5.32 31.08 -12.86
CA SER B 443 6.43 31.23 -13.79
C SER B 443 6.74 32.67 -14.09
N ALA B 444 5.90 33.59 -13.62
CA ALA B 444 6.13 35.02 -13.78
C ALA B 444 5.61 35.73 -12.55
N GLY B 445 6.15 36.94 -12.30
CA GLY B 445 5.75 37.69 -11.14
C GLY B 445 4.44 38.44 -11.31
N MET B 446 3.89 38.87 -10.18
CA MET B 446 2.65 39.63 -10.19
C MET B 446 2.74 40.84 -11.11
N ALA B 447 3.91 41.51 -11.14
CA ALA B 447 4.07 42.74 -11.91
C ALA B 447 3.91 42.52 -13.40
N SER B 448 4.26 41.33 -13.90
CA SER B 448 4.10 41.01 -15.31
C SER B 448 2.72 41.34 -15.84
N MET B 449 1.70 41.32 -14.98
CA MET B 449 0.33 41.53 -15.44
C MET B 449 0.04 43.00 -15.76
N GLN B 450 0.85 43.92 -15.26
CA GLN B 450 0.70 45.33 -15.59
C GLN B 450 1.51 45.73 -16.83
N ASP B 451 2.19 44.78 -17.47
CA ASP B 451 2.83 45.05 -18.76
C ASP B 451 1.83 45.65 -19.75
N PRO B 452 2.20 46.72 -20.47
CA PRO B 452 1.24 47.35 -21.40
C PRO B 452 0.63 46.38 -22.41
N ALA B 453 1.43 45.45 -22.94
CA ALA B 453 0.89 44.51 -23.92
C ALA B 453 -0.20 43.64 -23.31
N VAL B 454 -0.08 43.27 -22.03
CA VAL B 454 -1.12 42.48 -21.40
C VAL B 454 -2.41 43.28 -21.27
N MET B 455 -2.31 44.50 -20.72
CA MET B 455 -3.50 45.32 -20.53
C MET B 455 -4.15 45.67 -21.87
N ALA B 456 -3.35 45.79 -22.93
CA ALA B 456 -3.92 46.08 -24.24
C ALA B 456 -4.75 44.90 -24.76
N ALA B 457 -4.20 43.69 -24.64
CA ALA B 457 -4.97 42.51 -25.01
C ALA B 457 -6.24 42.39 -24.17
N VAL B 458 -6.17 42.74 -22.88
CA VAL B 458 -7.38 42.73 -22.06
C VAL B 458 -8.43 43.66 -22.65
N ARG B 459 -8.00 44.86 -23.05
CA ARG B 459 -8.93 45.82 -23.63
C ARG B 459 -9.42 45.38 -25.01
N ARG B 460 -8.61 44.61 -25.74
CA ARG B 460 -9.07 44.07 -27.02
C ARG B 460 -10.18 43.06 -26.83
N GLY B 461 -10.19 42.36 -25.69
CA GLY B 461 -11.26 41.45 -25.35
C GLY B 461 -11.22 40.10 -26.05
N PRO B 462 -12.38 39.45 -26.11
CA PRO B 462 -12.43 38.08 -26.61
C PRO B 462 -12.15 37.97 -28.10
N GLU B 463 -11.38 36.95 -28.46
CA GLU B 463 -11.14 36.61 -29.86
C GLU B 463 -11.75 35.28 -30.25
N VAL B 464 -12.30 34.53 -29.31
CA VAL B 464 -13.01 33.30 -29.64
C VAL B 464 -14.36 33.34 -28.96
N PRO B 465 -15.34 32.62 -29.50
CA PRO B 465 -16.62 32.51 -28.81
C PRO B 465 -16.44 31.81 -27.48
N ALA B 466 -17.26 32.20 -26.51
CA ALA B 466 -17.34 31.48 -25.27
C ALA B 466 -17.82 30.05 -25.52
N PRO B 467 -17.11 29.03 -25.04
CA PRO B 467 -17.62 27.66 -25.18
C PRO B 467 -18.98 27.54 -24.50
N THR B 468 -19.89 26.80 -25.15
CA THR B 468 -21.23 26.56 -24.62
C THR B 468 -21.37 25.18 -24.01
N GLU B 469 -20.32 24.38 -24.03
CA GLU B 469 -20.29 23.03 -23.50
C GLU B 469 -18.86 22.76 -23.06
N PRO B 470 -18.63 21.78 -22.18
CA PRO B 470 -17.26 21.40 -21.84
C PRO B 470 -16.42 21.22 -23.09
N PRO B 471 -15.28 21.93 -23.21
CA PRO B 471 -14.46 21.85 -24.43
C PRO B 471 -13.65 20.56 -24.52
N LEU B 472 -14.35 19.43 -24.43
CA LEU B 472 -13.70 18.15 -24.60
C LEU B 472 -13.50 17.83 -26.07
N ARG B 473 -12.40 17.15 -26.38
CA ARG B 473 -12.18 16.68 -27.73
C ARG B 473 -12.95 15.39 -27.95
N PRO B 474 -13.52 15.20 -29.14
CA PRO B 474 -14.10 13.89 -29.47
C PRO B 474 -13.15 12.73 -29.20
N ASP B 475 -11.87 12.84 -29.59
CA ASP B 475 -10.97 11.71 -29.39
C ASP B 475 -10.61 11.48 -27.93
N GLU B 476 -10.92 12.43 -27.03
CA GLU B 476 -10.78 12.21 -25.60
C GLU B 476 -11.97 11.42 -25.05
N VAL B 477 -13.19 11.84 -25.36
CA VAL B 477 -14.37 11.14 -24.88
C VAL B 477 -14.49 9.75 -25.52
N ALA B 478 -14.01 9.59 -26.75
CA ALA B 478 -14.00 8.26 -27.37
C ALA B 478 -13.29 7.23 -26.50
N ARG B 479 -12.29 7.64 -25.74
CA ARG B 479 -11.49 6.71 -24.98
C ARG B 479 -12.06 6.43 -23.61
N LEU B 480 -13.26 6.93 -23.31
CA LEU B 480 -13.94 6.62 -22.07
C LEU B 480 -14.68 5.30 -22.10
N VAL B 481 -14.72 4.63 -23.25
CA VAL B 481 -15.37 3.32 -23.37
C VAL B 481 -14.41 2.37 -24.05
N SER B 482 -14.57 1.08 -23.79
CA SER B 482 -13.72 0.06 -24.42
C SER B 482 -14.22 -0.34 -25.81
N GLY B 483 -15.54 -0.37 -26.01
CA GLY B 483 -16.11 -1.03 -27.17
C GLY B 483 -16.12 -2.54 -27.08
N ALA B 484 -15.97 -3.10 -25.87
CA ALA B 484 -15.79 -4.53 -25.70
C ALA B 484 -17.03 -5.34 -26.10
N GLY B 485 -18.22 -4.92 -25.67
CA GLY B 485 -19.41 -5.73 -25.92
C GLY B 485 -20.03 -5.58 -27.30
N VAL B 486 -19.20 -5.32 -28.31
CA VAL B 486 -19.63 -5.04 -29.68
C VAL B 486 -18.87 -5.97 -30.62
N THR B 487 -19.59 -6.74 -31.43
CA THR B 487 -18.94 -7.55 -32.45
C THR B 487 -18.45 -6.67 -33.61
PA FAD C . -9.21 -17.68 1.00
O1A FAD C . -9.28 -17.10 2.37
O2A FAD C . -7.89 -17.66 0.23
O5B FAD C . -10.27 -16.92 0.07
C5B FAD C . -11.65 -16.76 0.47
C4B FAD C . -12.36 -15.86 -0.51
O4B FAD C . -13.79 -15.97 -0.31
C3B FAD C . -12.01 -14.38 -0.41
O3B FAD C . -11.85 -13.78 -1.69
C2B FAD C . -13.21 -13.78 0.33
O2B FAD C . -13.46 -12.46 -0.11
C1B FAD C . -14.35 -14.68 -0.17
N9A FAD C . -15.48 -14.77 0.74
C8A FAD C . -15.47 -15.07 2.07
N7A FAD C . -16.64 -15.10 2.64
C5A FAD C . -17.51 -14.78 1.59
C6A FAD C . -18.90 -14.63 1.54
N6A FAD C . -19.71 -14.79 2.59
N1A FAD C . -19.45 -14.31 0.34
C2A FAD C . -18.64 -14.15 -0.71
N3A FAD C . -17.31 -14.26 -0.77
C4A FAD C . -16.80 -14.57 0.42
N1 FAD C . -1.37 -21.74 3.81
C2 FAD C . -0.22 -22.24 3.26
O2 FAD C . -0.23 -23.04 2.32
N3 FAD C . 1.00 -21.87 3.79
C4 FAD C . 1.19 -20.97 4.83
O4 FAD C . 2.34 -20.70 5.19
C4X FAD C . -0.03 -20.45 5.42
N5 FAD C . 0.07 -19.59 6.42
C5X FAD C . -1.10 -19.10 6.96
C6 FAD C . -1.03 -18.20 8.02
C7 FAD C . -2.19 -17.70 8.63
C7M FAD C . -2.09 -16.74 9.77
C8 FAD C . -3.44 -18.10 8.14
C8M FAD C . -4.71 -17.59 8.77
C9 FAD C . -3.51 -19.00 7.07
C9A FAD C . -2.36 -19.50 6.49
N10 FAD C . -2.41 -20.39 5.39
C10 FAD C . -1.26 -20.88 4.83
C1' FAD C . -3.69 -20.86 4.88
C2' FAD C . -4.14 -20.16 3.62
O2' FAD C . -4.25 -18.76 3.87
C3' FAD C . -5.50 -20.73 3.21
O3' FAD C . -5.46 -22.16 3.29
C4' FAD C . -5.93 -20.40 1.80
O4' FAD C . -6.07 -18.98 1.68
C5' FAD C . -7.23 -21.09 1.46
O5' FAD C . -7.77 -20.50 0.28
P FAD C . -9.31 -20.37 0.08
O1P FAD C . -9.52 -19.93 -1.37
O2P FAD C . -9.96 -21.61 0.53
O3P FAD C . -9.72 -19.18 1.05
S DMS D . -1.41 -16.12 -19.97
O DMS D . -1.83 -15.04 -19.01
C1 DMS D . -2.53 -16.20 -21.39
C2 DMS D . -1.66 -17.75 -19.23
S DMS E . -13.63 -24.06 8.15
O DMS E . -13.60 -25.57 8.00
C1 DMS E . -13.83 -23.54 9.86
C2 DMS E . -15.21 -23.54 7.42
C10 X9E F . 4.76 -21.87 8.24
O14 X9E F . 5.64 -20.77 8.11
C5 X9E F . 9.19 -23.38 7.51
C03 X9E F . 8.58 -24.26 8.53
C04 X9E F . 7.63 -23.81 9.35
C05 X9E F . 9.23 -25.65 8.61
C06 X9E F . 8.41 -26.77 7.95
C07 X9E F . 7.08 -22.42 9.27
C08 X9E F . 6.00 -22.03 10.29
C09 X9E F . 4.97 -21.24 9.50
C11 X9E F . 4.24 -20.03 10.01
C12 X9E F . 4.53 -19.73 11.47
C13 X9E F . 3.54 -21.64 7.42
CL CL G . -5.80 -13.88 9.83
PA FAD H . 5.70 18.49 4.05
O1A FAD H . 4.41 18.27 4.74
O2A FAD H . 5.88 18.02 2.60
O5B FAD H . 6.83 17.75 4.85
C5B FAD H . 7.04 18.00 6.25
C4B FAD H . 8.08 17.02 6.76
O4B FAD H . 8.46 17.38 8.12
C3B FAD H . 7.63 15.56 6.81
O3B FAD H . 8.63 14.65 6.39
C2B FAD H . 7.26 15.35 8.28
O2B FAD H . 7.39 13.98 8.67
C1B FAD H . 8.29 16.25 8.97
N9A FAD H . 7.87 16.74 10.27
C8A FAD H . 6.67 17.34 10.57
N7A FAD H . 6.55 17.70 11.82
C5A FAD H . 7.76 17.31 12.39
C6A FAD H . 8.27 17.40 13.70
N6A FAD H . 7.59 17.94 14.72
N1A FAD H . 9.52 16.91 13.93
C2A FAD H . 10.19 16.37 12.91
N3A FAD H . 9.82 16.23 11.64
C4A FAD H . 8.58 16.72 11.44
N1 FAD H . 0.86 21.83 -3.23
C2 FAD H . 1.00 21.98 -4.57
O2 FAD H . 1.99 22.55 -5.06
N3 FAD H . 0.00 21.52 -5.42
C4 FAD H . -1.16 20.88 -5.03
O4 FAD H . -1.97 20.51 -5.88
C4X FAD H . -1.28 20.71 -3.59
N5 FAD H . -2.34 20.08 -3.12
C5X FAD H . -2.46 19.94 -1.74
C6 FAD H . -3.59 19.29 -1.22
C7 FAD H . -3.75 19.14 0.15
C7M FAD H . -4.99 18.45 0.69
C8 FAD H . -2.78 19.63 1.03
C8M FAD H . -2.94 19.50 2.53
C9 FAD H . -1.65 20.27 0.51
C9A FAD H . -1.49 20.44 -0.86
N10 FAD H . -0.35 21.06 -1.42
C10 FAD H . -0.22 21.22 -2.77
C1' FAD H . 0.68 21.62 -0.55
C2' FAD H . 1.90 20.72 -0.42
O2' FAD H . 1.52 19.46 0.13
C3' FAD H . 2.89 21.41 0.52
O3' FAD H . 3.03 22.77 0.14
C4' FAD H . 4.29 20.82 0.55
O4' FAD H . 4.23 19.46 1.01
C5' FAD H . 5.17 21.62 1.48
O5' FAD H . 6.35 20.85 1.75
P FAD H . 7.03 20.90 3.17
O1P FAD H . 8.39 20.22 2.97
O2P FAD H . 7.04 22.31 3.64
O3P FAD H . 6.10 20.03 4.13
S DMS I . -4.89 50.16 -0.82
O DMS I . -4.67 48.75 -0.37
C1 DMS I . -4.44 51.25 0.54
C2 DMS I . -6.65 50.56 -0.96
S DMS J . 1.90 27.02 8.89
O DMS J . 0.63 27.18 9.66
C1 DMS J . 3.27 26.67 10.03
C2 DMS J . 2.49 28.68 8.47
C12 A1LWM K . -6.34 25.08 -12.81
C15 A1LWM K . -7.14 26.01 -13.68
C16 A1LWM K . -6.73 25.24 -11.31
C11 A1LWM K . -6.49 23.63 -13.31
C17 A1LWM K . -6.97 23.87 -10.53
C18 A1LWM K . -8.37 23.24 -10.48
C19 A1LWM K . -9.25 23.74 -9.32
C20 A1LWM K . -5.96 23.25 -9.91
C21 A1LWM K . -6.21 21.90 -9.14
C22 A1LWM K . -6.77 22.19 -7.73
C23 A1LWM K . -6.37 21.17 -6.62
C24 A1LWM K . -7.25 19.95 -6.27
C25 A1LWM K . -5.25 21.37 -5.94
C26 A1LWM K . -4.88 20.38 -4.82
C27 A1LWM K . -8.54 20.51 -5.68
O1 A1LWM K . -7.05 23.61 -14.58
CL CL L . -4.06 16.26 4.68
#